data_4ODU
#
_entry.id   4ODU
#
_cell.length_a   75.787
_cell.length_b   77.638
_cell.length_c   71.958
_cell.angle_alpha   90.00
_cell.angle_beta   96.83
_cell.angle_gamma   90.00
#
_symmetry.space_group_name_H-M   'P 1 21 1'
#
loop_
_entity.id
_entity.type
_entity.pdbx_description
1 polymer 'S1-15 Fab (IgG2b kappa) light chain'
2 polymer 'S1-15 Fab (IgG2b) heavy chain'
3 non-polymer 'SULFATE ION'
4 water water
#
loop_
_entity_poly.entity_id
_entity_poly.type
_entity_poly.pdbx_seq_one_letter_code
_entity_poly.pdbx_strand_id
1 'polypeptide(L)'
;DIQMTQSTSSLSASLGDRVTISCRASQDISNYLNWYQQKPDGTVKVLIYYTSRLRSGVPSRFSGSGSGTDYSLTISNLEQ
EDIATYFCQQGNTLPWTFGGGTKLEIKRADAAPTVSIFPPSSEQLTSGGASVVCFLNNFYPKDINVKWKIDGSERQNGVL
NSWTDQDSKDSTYSMSSTLTLTKDEYERHNSYTCEATHKTSTSPIVKSFNRNEC
;
L,B
2 'polypeptide(L)'
;EVQLVESGGGLVQPKGSLKLSCAASGFTFNTYAMNWVRQAPGKGLEWVARIRSKSNNYATYYADSVKDRFTISRDDSQSM
LYLQMNNLKTEDTAMYYCVRHRGAPLYYGNGAWFAYWGQGTLVTVSAAKTTPPSVYPLAPGCGDTTGSSVTSGCLVKGYF
PESVTVTWNSGSLSSSVHTFPALLQSGLYTMSSSVTVPSSTWPSETVTCSVAHPASSTTVDKKLEP
;
H,A
#
loop_
_chem_comp.id
_chem_comp.type
_chem_comp.name
_chem_comp.formula
SO4 non-polymer 'SULFATE ION' 'O4 S -2'
#
# COMPACT_ATOMS: atom_id res chain seq x y z
N ASP A 1 -27.70 -18.84 10.05
CA ASP A 1 -26.77 -17.66 10.05
C ASP A 1 -27.44 -16.47 10.73
N ILE A 2 -26.62 -15.56 11.21
CA ILE A 2 -27.09 -14.35 11.84
C ILE A 2 -27.32 -13.27 10.78
N GLN A 3 -28.56 -12.78 10.67
CA GLN A 3 -28.89 -11.68 9.74
C GLN A 3 -28.51 -10.36 10.37
N MET A 4 -27.76 -9.53 9.62
CA MET A 4 -27.34 -8.19 10.07
C MET A 4 -28.07 -7.15 9.23
N THR A 5 -28.68 -6.18 9.89
CA THR A 5 -29.51 -5.19 9.20
C THR A 5 -29.07 -3.80 9.54
N GLN A 6 -28.80 -3.01 8.52
CA GLN A 6 -28.40 -1.63 8.73
C GLN A 6 -29.58 -0.67 8.58
N SER A 7 -29.49 0.47 9.25
CA SER A 7 -30.64 1.39 9.39
C SER A 7 -31.14 1.76 8.00
N THR A 8 -30.24 2.31 7.20
CA THR A 8 -30.57 2.76 5.87
C THR A 8 -29.50 2.28 4.95
N SER A 9 -29.84 2.28 3.68
CA SER A 9 -28.87 2.01 2.67
C SER A 9 -28.16 3.33 2.26
N SER A 10 -28.78 4.46 2.56
CA SER A 10 -28.17 5.72 2.18
C SER A 10 -28.46 6.85 3.12
N LEU A 11 -27.48 7.72 3.35
CA LEU A 11 -27.78 8.98 3.97
C LEU A 11 -26.83 10.11 3.61
N SER A 12 -27.27 11.31 3.94
CA SER A 12 -26.70 12.52 3.44
C SER A 12 -26.52 13.45 4.62
N ALA A 13 -25.37 14.10 4.72
CA ALA A 13 -25.14 15.04 5.81
C ALA A 13 -24.13 16.11 5.43
N SER A 14 -24.07 17.15 6.24
CA SER A 14 -23.18 18.28 5.99
C SER A 14 -21.85 18.10 6.69
N LEU A 15 -20.84 18.72 6.11
CA LEU A 15 -19.55 18.79 6.76
C LEU A 15 -19.75 19.35 8.16
N GLY A 16 -19.13 18.71 9.13
CA GLY A 16 -19.19 19.14 10.52
C GLY A 16 -20.29 18.51 11.31
N ASP A 17 -21.26 17.89 10.64
CA ASP A 17 -22.36 17.22 11.32
C ASP A 17 -21.91 15.93 11.99
N ARG A 18 -22.72 15.51 12.95
CA ARG A 18 -22.64 14.22 13.60
C ARG A 18 -23.59 13.24 12.89
N VAL A 19 -23.09 12.05 12.60
CA VAL A 19 -23.87 11.08 11.85
C VAL A 19 -23.82 9.77 12.63
N THR A 20 -24.94 9.06 12.67
CA THR A 20 -25.00 7.79 13.35
C THR A 20 -25.58 6.76 12.39
N ILE A 21 -24.98 5.58 12.37
CA ILE A 21 -25.42 4.50 11.50
C ILE A 21 -25.67 3.31 12.39
N SER A 22 -26.84 2.69 12.25
CA SER A 22 -27.22 1.63 13.16
C SER A 22 -27.15 0.27 12.50
N CYS A 23 -27.00 -0.73 13.35
CA CYS A 23 -26.84 -2.11 12.93
C CYS A 23 -27.59 -2.97 13.95
N ARG A 24 -28.42 -3.86 13.42
CA ARG A 24 -29.13 -4.83 14.26
C ARG A 24 -28.82 -6.24 13.84
N ALA A 25 -28.56 -7.09 14.83
CA ALA A 25 -28.37 -8.52 14.61
C ALA A 25 -29.65 -9.32 14.96
N SER A 26 -29.89 -10.40 14.23
CA SER A 26 -31.04 -11.28 14.45
C SER A 26 -30.92 -12.15 15.70
N GLN A 27 -29.72 -12.22 16.29
CA GLN A 27 -29.43 -12.97 17.52
C GLN A 27 -28.40 -12.19 18.31
N ASP A 28 -28.36 -12.34 19.63
CA ASP A 28 -27.29 -11.77 20.47
C ASP A 28 -25.92 -12.12 19.91
N ILE A 29 -25.04 -11.14 19.79
CA ILE A 29 -23.69 -11.38 19.25
C ILE A 29 -22.55 -11.04 20.22
N SER A 30 -22.88 -10.83 21.49
CA SER A 30 -21.89 -10.68 22.56
C SER A 30 -20.85 -9.61 22.28
N ASN A 31 -21.30 -8.49 21.72
CA ASN A 31 -20.45 -7.35 21.45
C ASN A 31 -19.39 -7.59 20.37
N TYR A 32 -19.43 -8.74 19.70
CA TYR A 32 -18.50 -9.02 18.62
C TYR A 32 -19.04 -8.40 17.34
N LEU A 33 -18.99 -7.08 17.27
CA LEU A 33 -19.55 -6.34 16.15
C LEU A 33 -18.48 -5.37 15.67
N ASN A 34 -18.21 -5.40 14.37
CA ASN A 34 -17.13 -4.61 13.80
C ASN A 34 -17.63 -3.79 12.62
N TRP A 35 -16.95 -2.69 12.34
CA TRP A 35 -17.38 -1.72 11.35
C TRP A 35 -16.25 -1.47 10.37
N TYR A 36 -16.60 -1.46 9.08
CA TYR A 36 -15.66 -1.25 8.01
C TYR A 36 -16.09 -0.09 7.14
N GLN A 37 -15.09 0.54 6.51
CA GLN A 37 -15.29 1.59 5.54
C GLN A 37 -14.81 1.16 4.17
N GLN A 38 -15.67 1.26 3.17
CA GLN A 38 -15.27 0.98 1.79
C GLN A 38 -15.33 2.26 0.97
N LYS A 39 -14.17 2.73 0.52
CA LYS A 39 -14.09 3.90 -0.30
C LYS A 39 -14.71 3.63 -1.66
N PRO A 40 -15.15 4.67 -2.38
CA PRO A 40 -15.72 4.51 -3.70
C PRO A 40 -14.82 3.75 -4.69
N ASP A 41 -13.49 3.87 -4.54
CA ASP A 41 -12.55 3.07 -5.35
C ASP A 41 -12.50 1.60 -4.98
N GLY A 42 -13.23 1.19 -3.95
CA GLY A 42 -13.33 -0.21 -3.57
C GLY A 42 -12.52 -0.59 -2.35
N THR A 43 -11.64 0.31 -1.91
CA THR A 43 -10.70 -0.05 -0.84
C THR A 43 -11.42 -0.14 0.52
N VAL A 44 -11.12 -1.18 1.27
CA VAL A 44 -11.80 -1.48 2.52
C VAL A 44 -10.80 -1.43 3.65
N LYS A 45 -11.21 -0.84 4.75
CA LYS A 45 -10.43 -0.91 5.96
C LYS A 45 -11.34 -0.99 7.18
N VAL A 46 -10.82 -1.59 8.24
CA VAL A 46 -11.57 -1.69 9.51
C VAL A 46 -11.49 -0.36 10.26
N LEU A 47 -12.59 0.06 10.88
CA LEU A 47 -12.64 1.27 11.70
C LEU A 47 -12.69 0.92 13.19
N ILE A 48 -13.66 0.07 13.54
CA ILE A 48 -13.98 -0.24 14.91
C ILE A 48 -14.08 -1.73 15.02
N TYR A 49 -13.57 -2.30 16.10
CA TYR A 49 -13.77 -3.72 16.38
C TYR A 49 -14.27 -3.93 17.81
N TYR A 50 -14.83 -5.10 18.08
CA TYR A 50 -15.31 -5.44 19.42
C TYR A 50 -16.20 -4.30 19.94
N THR A 51 -17.19 -3.91 19.14
CA THR A 51 -18.17 -2.88 19.46
C THR A 51 -17.63 -1.44 19.49
N SER A 52 -16.59 -1.21 20.28
CA SER A 52 -16.17 0.16 20.59
C SER A 52 -14.68 0.43 20.48
N ARG A 53 -13.87 -0.56 20.17
CA ARG A 53 -12.42 -0.35 20.15
C ARG A 53 -11.98 0.26 18.83
N LEU A 54 -11.40 1.43 18.92
CA LEU A 54 -10.97 2.17 17.76
C LEU A 54 -9.72 1.50 17.20
N ARG A 55 -9.71 1.28 15.91
CA ARG A 55 -8.55 0.72 15.28
C ARG A 55 -7.40 1.75 15.28
N SER A 56 -6.23 1.30 15.67
CA SER A 56 -5.03 2.15 15.64
C SER A 56 -4.76 2.79 14.26
N GLY A 57 -4.67 4.11 14.22
CA GLY A 57 -4.47 4.86 12.98
C GLY A 57 -5.76 5.47 12.45
N VAL A 58 -6.90 5.05 12.99
CA VAL A 58 -8.20 5.58 12.57
C VAL A 58 -8.56 6.81 13.41
N PRO A 59 -9.01 7.91 12.76
CA PRO A 59 -9.29 9.15 13.47
C PRO A 59 -10.27 8.92 14.60
N SER A 60 -10.15 9.66 15.70
CA SER A 60 -10.99 9.46 16.88
C SER A 60 -12.40 10.04 16.73
N ARG A 61 -12.67 10.75 15.64
CA ARG A 61 -14.04 11.17 15.32
C ARG A 61 -14.97 9.96 15.05
N PHE A 62 -14.38 8.78 14.78
CA PHE A 62 -15.14 7.54 14.66
C PHE A 62 -15.30 6.89 16.03
N SER A 63 -16.52 6.53 16.38
CA SER A 63 -16.73 5.70 17.60
C SER A 63 -17.89 4.73 17.44
N GLY A 64 -17.88 3.69 18.29
CA GLY A 64 -18.93 2.69 18.26
C GLY A 64 -19.52 2.36 19.63
N SER A 65 -20.74 1.81 19.65
CA SER A 65 -21.41 1.42 20.88
C SER A 65 -22.48 0.33 20.67
N GLY A 66 -23.02 -0.17 21.78
CA GLY A 66 -24.19 -1.03 21.76
C GLY A 66 -23.97 -2.31 22.52
N SER A 67 -24.99 -3.14 22.57
CA SER A 67 -24.87 -4.48 23.13
C SER A 67 -26.02 -5.33 22.70
N GLY A 68 -25.90 -6.62 22.99
CA GLY A 68 -26.94 -7.57 22.61
C GLY A 68 -27.06 -7.71 21.11
N THR A 69 -28.16 -7.17 20.58
CA THR A 69 -28.46 -7.20 19.14
C THR A 69 -28.40 -5.81 18.52
N ASP A 70 -28.22 -4.74 19.30
CA ASP A 70 -28.30 -3.36 18.74
C ASP A 70 -26.97 -2.60 18.86
N TYR A 71 -26.47 -2.07 17.74
CA TYR A 71 -25.15 -1.44 17.72
C TYR A 71 -25.18 -0.20 16.83
N SER A 72 -24.20 0.68 17.01
CA SER A 72 -24.16 1.95 16.29
C SER A 72 -22.75 2.38 16.01
N LEU A 73 -22.56 3.01 14.85
CA LEU A 73 -21.35 3.73 14.53
C LEU A 73 -21.67 5.20 14.46
N THR A 74 -20.80 6.02 15.06
CA THR A 74 -20.99 7.45 15.10
C THR A 74 -19.77 8.13 14.54
N ILE A 75 -19.98 9.10 13.66
CA ILE A 75 -18.92 9.98 13.21
C ILE A 75 -19.26 11.32 13.83
N SER A 76 -18.41 11.81 14.72
CA SER A 76 -18.74 12.99 15.53
C SER A 76 -18.77 14.30 14.73
N ASN A 77 -17.83 14.48 13.80
CA ASN A 77 -17.89 15.61 12.87
C ASN A 77 -17.42 15.16 11.48
N LEU A 78 -18.29 15.33 10.51
CA LEU A 78 -18.11 14.72 9.23
C LEU A 78 -17.08 15.50 8.41
N GLU A 79 -16.09 14.77 7.88
CA GLU A 79 -15.07 15.35 7.02
C GLU A 79 -15.21 14.86 5.59
N GLN A 80 -14.55 15.57 4.70
CA GLN A 80 -14.67 15.40 3.29
C GLN A 80 -14.32 13.97 2.88
N GLU A 81 -13.21 13.48 3.43
CA GLU A 81 -12.74 12.12 3.17
C GLU A 81 -13.65 10.98 3.71
N ASP A 82 -14.79 11.30 4.29
CA ASP A 82 -15.67 10.29 4.85
C ASP A 82 -16.73 9.75 3.86
N ILE A 83 -16.76 10.32 2.66
CA ILE A 83 -17.56 9.75 1.56
C ILE A 83 -17.15 8.30 1.32
N ALA A 84 -18.08 7.38 1.52
CA ALA A 84 -17.82 5.96 1.57
C ALA A 84 -19.09 5.18 1.91
N THR A 85 -18.98 3.86 1.83
CA THR A 85 -20.03 2.97 2.27
C THR A 85 -19.54 2.33 3.56
N TYR A 86 -20.40 2.29 4.57
CA TYR A 86 -20.08 1.70 5.88
C TYR A 86 -20.82 0.38 6.11
N PHE A 87 -20.08 -0.62 6.58
CA PHE A 87 -20.59 -1.99 6.78
C PHE A 87 -20.37 -2.45 8.20
N CYS A 88 -21.38 -3.05 8.82
CA CYS A 88 -21.16 -3.78 10.07
C CYS A 88 -20.98 -5.27 9.80
N GLN A 89 -20.43 -5.98 10.78
CA GLN A 89 -20.07 -7.38 10.60
C GLN A 89 -20.00 -8.02 11.96
N GLN A 90 -20.72 -9.12 12.07
CA GLN A 90 -20.76 -9.91 13.29
C GLN A 90 -19.68 -10.96 13.22
N GLY A 91 -18.91 -11.08 14.28
CA GLY A 91 -17.90 -12.13 14.36
C GLY A 91 -18.07 -13.12 15.49
N ASN A 92 -19.32 -13.28 15.94
CA ASN A 92 -19.67 -14.21 17.02
C ASN A 92 -19.68 -15.63 16.55
N THR A 93 -20.37 -15.91 15.46
CA THR A 93 -20.48 -17.28 14.99
C THR A 93 -20.48 -17.43 13.49
N LEU A 94 -19.88 -18.52 13.03
CA LEU A 94 -19.83 -18.85 11.61
C LEU A 94 -21.20 -19.25 11.09
N PRO A 95 -21.53 -18.84 9.85
CA PRO A 95 -20.69 -17.99 8.96
C PRO A 95 -20.72 -16.53 9.38
N TRP A 96 -19.58 -15.86 9.28
CA TRP A 96 -19.50 -14.46 9.68
C TRP A 96 -20.25 -13.64 8.64
N THR A 97 -21.06 -12.70 9.10
CA THR A 97 -21.98 -12.02 8.20
C THR A 97 -21.90 -10.52 8.31
N PHE A 98 -22.19 -9.87 7.20
CA PHE A 98 -22.16 -8.42 7.10
C PHE A 98 -23.55 -7.83 6.96
N GLY A 99 -23.71 -6.57 7.35
CA GLY A 99 -24.90 -5.81 7.00
C GLY A 99 -24.83 -5.42 5.54
N GLY A 100 -25.93 -4.90 4.99
CA GLY A 100 -25.99 -4.57 3.58
C GLY A 100 -25.24 -3.29 3.21
N GLY A 101 -24.79 -2.55 4.21
CA GLY A 101 -24.03 -1.32 3.97
C GLY A 101 -24.84 -0.06 3.95
N THR A 102 -24.23 1.02 4.39
CA THR A 102 -24.86 2.35 4.41
C THR A 102 -23.95 3.33 3.67
N LYS A 103 -24.45 3.85 2.56
CA LYS A 103 -23.72 4.80 1.73
C LYS A 103 -23.86 6.21 2.30
N LEU A 104 -22.73 6.90 2.44
CA LEU A 104 -22.76 8.25 2.99
C LEU A 104 -22.42 9.32 1.95
N GLU A 105 -23.35 10.25 1.73
CA GLU A 105 -23.23 11.37 0.80
C GLU A 105 -22.92 12.63 1.60
N ILE A 106 -22.02 13.48 1.11
CA ILE A 106 -21.77 14.78 1.75
C ILE A 106 -22.53 15.89 1.07
N LYS A 107 -23.20 16.70 1.86
CA LYS A 107 -23.94 17.87 1.34
C LYS A 107 -22.97 18.98 1.02
N ARG A 108 -23.31 19.78 0.02
CA ARG A 108 -22.47 20.93 -0.32
C ARG A 108 -23.32 21.99 -1.01
N ALA A 109 -22.67 23.08 -1.39
CA ALA A 109 -23.34 24.17 -2.05
C ALA A 109 -23.73 23.73 -3.46
N ASP A 110 -24.91 24.15 -3.89
CA ASP A 110 -25.38 23.89 -5.23
C ASP A 110 -24.34 24.36 -6.25
N ALA A 111 -24.24 23.63 -7.36
CA ALA A 111 -23.31 23.94 -8.43
C ALA A 111 -23.90 23.53 -9.75
N ALA A 112 -23.75 24.40 -10.74
CA ALA A 112 -24.30 24.18 -12.06
C ALA A 112 -23.42 23.23 -12.81
N PRO A 113 -24.01 22.41 -13.69
CA PRO A 113 -23.18 21.56 -14.54
C PRO A 113 -22.47 22.32 -15.64
N THR A 114 -21.28 21.86 -16.00
CA THR A 114 -20.61 22.28 -17.20
C THR A 114 -20.98 21.26 -18.26
N VAL A 115 -21.53 21.72 -19.39
CA VAL A 115 -22.03 20.80 -20.41
C VAL A 115 -21.14 20.83 -21.66
N SER A 116 -20.89 19.65 -22.21
CA SER A 116 -20.13 19.51 -23.45
C SER A 116 -20.82 18.49 -24.33
N ILE A 117 -20.94 18.80 -25.61
CA ILE A 117 -21.54 17.88 -26.57
C ILE A 117 -20.47 17.44 -27.57
N PHE A 118 -20.60 16.23 -28.11
CA PHE A 118 -19.60 15.68 -29.02
C PHE A 118 -20.28 14.89 -30.14
N PRO A 119 -19.95 15.23 -31.39
CA PRO A 119 -20.47 14.44 -32.51
C PRO A 119 -19.79 13.07 -32.58
N PRO A 120 -20.43 12.11 -33.25
CA PRO A 120 -19.81 10.85 -33.60
C PRO A 120 -18.45 11.08 -34.27
N SER A 121 -17.46 10.28 -33.87
CA SER A 121 -16.12 10.35 -34.48
C SER A 121 -16.16 9.80 -35.89
N SER A 122 -15.18 10.22 -36.69
CA SER A 122 -15.03 9.71 -38.05
C SER A 122 -14.88 8.20 -38.03
N GLU A 123 -13.90 7.75 -37.25
CA GLU A 123 -13.64 6.32 -37.06
C GLU A 123 -14.92 5.54 -36.80
N GLN A 124 -15.78 6.08 -35.95
CA GLN A 124 -17.03 5.41 -35.66
C GLN A 124 -17.98 5.47 -36.86
N LEU A 125 -18.04 6.64 -37.50
CA LEU A 125 -18.93 6.82 -38.65
C LEU A 125 -18.64 5.78 -39.75
N THR A 126 -17.36 5.60 -40.07
CA THR A 126 -16.95 4.59 -41.06
C THR A 126 -17.37 3.16 -40.64
N SER A 127 -17.33 2.84 -39.35
CA SER A 127 -17.73 1.49 -38.91
C SER A 127 -19.27 1.32 -38.93
N GLY A 128 -20.01 2.35 -39.37
CA GLY A 128 -21.46 2.24 -39.54
C GLY A 128 -22.27 2.64 -38.31
N GLY A 129 -21.60 3.18 -37.30
CA GLY A 129 -22.26 3.60 -36.05
C GLY A 129 -22.30 5.11 -35.87
N ALA A 130 -23.21 5.58 -35.03
CA ALA A 130 -23.28 7.01 -34.68
C ALA A 130 -23.71 7.24 -33.23
N SER A 131 -22.76 7.56 -32.36
CA SER A 131 -23.04 7.87 -30.96
C SER A 131 -22.78 9.34 -30.73
N VAL A 132 -23.79 10.02 -30.22
CA VAL A 132 -23.66 11.41 -29.83
C VAL A 132 -23.58 11.42 -28.32
N VAL A 133 -22.60 12.12 -27.80
CA VAL A 133 -22.26 12.07 -26.39
C VAL A 133 -22.34 13.43 -25.75
N CYS A 134 -22.89 13.46 -24.54
CA CYS A 134 -23.03 14.66 -23.78
C CYS A 134 -22.52 14.45 -22.34
N PHE A 135 -21.58 15.28 -21.91
CA PHE A 135 -21.12 15.25 -20.53
C PHE A 135 -21.74 16.38 -19.75
N LEU A 136 -22.30 16.06 -18.59
CA LEU A 136 -22.76 17.04 -17.62
C LEU A 136 -21.86 16.90 -16.38
N ASN A 137 -20.95 17.83 -16.19
CA ASN A 137 -19.88 17.63 -15.21
C ASN A 137 -19.91 18.55 -13.98
N ASN A 138 -19.56 17.98 -12.83
CA ASN A 138 -19.35 18.72 -11.58
C ASN A 138 -20.53 19.57 -11.12
N PHE A 139 -21.68 18.93 -11.00
CA PHE A 139 -22.88 19.60 -10.54
C PHE A 139 -23.31 19.08 -9.17
N TYR A 140 -24.14 19.86 -8.49
CA TYR A 140 -24.77 19.43 -7.25
C TYR A 140 -26.04 20.24 -7.07
N PRO A 141 -27.12 19.58 -6.63
CA PRO A 141 -27.24 18.21 -6.18
C PRO A 141 -27.38 17.23 -7.35
N LYS A 142 -27.53 15.95 -7.02
CA LYS A 142 -27.42 14.86 -7.96
C LYS A 142 -28.54 14.83 -9.00
N ASP A 143 -29.72 15.26 -8.59
CA ASP A 143 -30.89 15.22 -9.44
C ASP A 143 -30.71 16.14 -10.64
N ILE A 144 -30.84 15.59 -11.85
CA ILE A 144 -30.71 16.36 -13.08
C ILE A 144 -31.53 15.73 -14.21
N ASN A 145 -32.00 16.56 -15.15
CA ASN A 145 -32.77 16.07 -16.30
C ASN A 145 -32.06 16.47 -17.59
N VAL A 146 -31.88 15.51 -18.49
CA VAL A 146 -31.28 15.77 -19.78
C VAL A 146 -32.24 15.39 -20.89
N LYS A 147 -32.40 16.29 -21.85
CA LYS A 147 -33.26 16.04 -23.01
C LYS A 147 -32.39 16.09 -24.25
N TRP A 148 -32.67 15.18 -25.16
CA TRP A 148 -32.07 15.23 -26.49
C TRP A 148 -33.09 15.75 -27.47
N LYS A 149 -32.68 16.74 -28.27
CA LYS A 149 -33.51 17.26 -29.35
C LYS A 149 -32.76 17.07 -30.67
N ILE A 150 -33.46 16.52 -31.65
CA ILE A 150 -32.95 16.40 -33.01
C ILE A 150 -33.78 17.24 -33.95
N ASP A 151 -33.20 18.31 -34.47
CA ASP A 151 -33.95 19.26 -35.30
C ASP A 151 -35.21 19.79 -34.58
N GLY A 152 -35.03 20.21 -33.32
CA GLY A 152 -36.11 20.76 -32.49
C GLY A 152 -37.02 19.72 -31.85
N SER A 153 -36.86 18.45 -32.23
CA SER A 153 -37.76 17.39 -31.82
C SER A 153 -37.12 16.48 -30.76
N GLU A 154 -37.79 16.33 -29.63
CA GLU A 154 -37.28 15.51 -28.55
C GLU A 154 -37.16 14.05 -28.96
N ARG A 155 -36.05 13.41 -28.59
CA ARG A 155 -35.91 11.98 -28.75
C ARG A 155 -35.66 11.25 -27.41
N GLN A 156 -36.31 10.10 -27.26
CA GLN A 156 -36.20 9.28 -26.08
C GLN A 156 -35.37 8.01 -26.35
N ASN A 157 -35.63 7.35 -27.46
CA ASN A 157 -35.01 6.08 -27.76
C ASN A 157 -33.51 6.12 -27.97
N GLY A 158 -32.81 5.14 -27.41
CA GLY A 158 -31.39 5.06 -27.62
C GLY A 158 -30.57 6.04 -26.82
N VAL A 159 -31.14 6.57 -25.76
CA VAL A 159 -30.45 7.49 -24.87
C VAL A 159 -30.10 6.76 -23.59
N LEU A 160 -28.82 6.79 -23.24
CA LEU A 160 -28.32 6.09 -22.09
C LEU A 160 -27.61 7.03 -21.15
N ASN A 161 -28.00 7.05 -19.90
CA ASN A 161 -27.42 7.95 -18.94
C ASN A 161 -26.61 7.21 -17.90
N SER A 162 -25.54 7.82 -17.45
CA SER A 162 -24.69 7.19 -16.43
C SER A 162 -24.11 8.24 -15.49
N TRP A 163 -24.35 8.09 -14.19
CA TRP A 163 -23.87 9.01 -13.17
C TRP A 163 -22.56 8.54 -12.53
N THR A 164 -21.68 9.47 -12.19
CA THR A 164 -20.53 9.12 -11.35
C THR A 164 -20.94 8.93 -9.89
N ASP A 165 -20.02 8.35 -9.13
CA ASP A 165 -20.04 8.41 -7.67
C ASP A 165 -19.91 9.85 -7.32
N GLN A 166 -20.28 10.20 -6.09
CA GLN A 166 -19.92 11.51 -5.55
C GLN A 166 -18.40 11.62 -5.50
N ASP A 167 -17.86 12.66 -6.08
CA ASP A 167 -16.41 12.70 -6.12
C ASP A 167 -15.81 13.13 -4.76
N SER A 168 -14.80 12.37 -4.36
CA SER A 168 -14.24 12.46 -3.00
C SER A 168 -13.67 13.84 -2.67
N LYS A 169 -13.09 14.51 -3.67
CA LYS A 169 -12.46 15.82 -3.45
C LYS A 169 -13.46 16.98 -3.31
N ASP A 170 -14.40 17.15 -4.25
CA ASP A 170 -15.31 18.32 -4.18
C ASP A 170 -16.82 18.04 -4.00
N SER A 171 -17.20 16.77 -3.82
CA SER A 171 -18.60 16.36 -3.53
C SER A 171 -19.62 16.62 -4.63
N THR A 172 -19.13 16.84 -5.86
CA THR A 172 -20.02 17.03 -7.01
C THR A 172 -20.31 15.69 -7.66
N TYR A 173 -21.30 15.68 -8.55
CA TYR A 173 -21.57 14.53 -9.41
C TYR A 173 -21.31 14.91 -10.87
N SER A 174 -21.10 13.91 -11.70
CA SER A 174 -21.04 14.10 -13.12
C SER A 174 -21.89 13.04 -13.75
N MET A 175 -22.27 13.25 -15.01
CA MET A 175 -23.07 12.29 -15.72
C MET A 175 -22.83 12.37 -17.22
N SER A 176 -22.95 11.23 -17.89
CA SER A 176 -22.85 11.20 -19.34
C SER A 176 -24.17 10.80 -19.93
N SER A 177 -24.58 11.44 -21.03
CA SER A 177 -25.75 11.03 -21.80
C SER A 177 -25.30 10.69 -23.21
N THR A 178 -25.61 9.48 -23.64
CA THR A 178 -25.16 8.95 -24.90
C THR A 178 -26.35 8.56 -25.72
N LEU A 179 -26.49 9.21 -26.87
CA LEU A 179 -27.56 8.90 -27.79
C LEU A 179 -26.97 8.06 -28.89
N THR A 180 -27.43 6.82 -28.99
CA THR A 180 -26.90 5.93 -30.03
C THR A 180 -27.88 5.82 -31.20
N LEU A 181 -27.37 6.03 -32.40
CA LEU A 181 -28.16 5.92 -33.64
C LEU A 181 -27.40 5.14 -34.69
N THR A 182 -28.14 4.66 -35.68
CA THR A 182 -27.53 4.13 -36.90
C THR A 182 -26.92 5.30 -37.68
N LYS A 183 -25.93 5.01 -38.53
CA LYS A 183 -25.29 6.05 -39.34
C LYS A 183 -26.30 6.73 -40.26
N ASP A 184 -27.07 5.92 -41.00
CA ASP A 184 -28.06 6.47 -41.92
C ASP A 184 -29.19 7.22 -41.21
N GLU A 185 -29.51 6.85 -39.98
CA GLU A 185 -30.42 7.64 -39.16
C GLU A 185 -29.80 8.96 -38.74
N TYR A 186 -28.53 8.93 -38.35
CA TYR A 186 -27.78 10.14 -38.01
C TYR A 186 -27.69 11.10 -39.18
N GLU A 187 -27.57 10.54 -40.38
CA GLU A 187 -27.31 11.34 -41.57
C GLU A 187 -28.55 12.07 -42.11
N ARG A 188 -29.74 11.69 -41.65
CA ARG A 188 -31.01 12.31 -42.11
C ARG A 188 -31.42 13.58 -41.32
N HIS A 189 -30.59 14.02 -40.36
CA HIS A 189 -30.92 15.19 -39.54
C HIS A 189 -29.72 16.10 -39.45
N ASN A 190 -29.95 17.34 -39.01
CA ASN A 190 -28.86 18.33 -38.95
C ASN A 190 -28.50 18.75 -37.53
N SER A 191 -29.46 19.29 -36.80
CA SER A 191 -29.14 19.89 -35.52
C SER A 191 -29.31 18.89 -34.39
N TYR A 192 -28.24 18.70 -33.62
CA TYR A 192 -28.25 17.82 -32.44
C TYR A 192 -28.03 18.63 -31.17
N THR A 193 -28.95 18.50 -30.22
CA THR A 193 -28.97 19.34 -29.04
C THR A 193 -29.12 18.54 -27.74
N CYS A 194 -28.28 18.90 -26.77
CA CYS A 194 -28.31 18.34 -25.43
C CYS A 194 -28.73 19.44 -24.46
N GLU A 195 -29.83 19.23 -23.74
CA GLU A 195 -30.38 20.22 -22.80
C GLU A 195 -30.45 19.66 -21.41
N ALA A 196 -29.88 20.39 -20.46
CA ALA A 196 -29.85 19.98 -19.08
C ALA A 196 -30.62 20.98 -18.21
N THR A 197 -31.59 20.46 -17.45
CA THR A 197 -32.31 21.23 -16.48
C THR A 197 -31.93 20.79 -15.06
N HIS A 198 -31.55 21.77 -14.25
CA HIS A 198 -31.00 21.52 -12.93
C HIS A 198 -31.51 22.61 -11.99
N LYS A 199 -31.68 22.28 -10.73
CA LYS A 199 -32.22 23.28 -9.81
C LYS A 199 -31.46 24.62 -9.75
N THR A 200 -30.15 24.63 -10.01
CA THR A 200 -29.37 25.87 -10.04
C THR A 200 -29.83 26.91 -11.10
N SER A 201 -30.71 26.53 -12.01
CA SER A 201 -31.17 27.50 -13.01
C SER A 201 -32.54 27.21 -13.55
N THR A 202 -33.32 28.28 -13.74
CA THR A 202 -34.61 28.22 -14.39
C THR A 202 -34.42 27.88 -15.86
N SER A 203 -33.42 28.49 -16.50
CA SER A 203 -33.17 28.21 -17.91
C SER A 203 -32.28 26.97 -18.08
N PRO A 204 -32.66 26.05 -18.99
CA PRO A 204 -31.80 24.91 -19.34
C PRO A 204 -30.43 25.35 -19.84
N ILE A 205 -29.41 24.53 -19.56
CA ILE A 205 -28.14 24.71 -20.24
C ILE A 205 -28.22 23.91 -21.53
N VAL A 206 -28.04 24.59 -22.64
CA VAL A 206 -28.25 24.04 -23.96
C VAL A 206 -26.90 23.93 -24.63
N LYS A 207 -26.58 22.77 -25.18
CA LYS A 207 -25.38 22.62 -26.00
C LYS A 207 -25.74 21.93 -27.31
N SER A 208 -25.10 22.36 -28.38
CA SER A 208 -25.62 22.06 -29.69
C SER A 208 -24.55 22.06 -30.76
N PHE A 209 -24.78 21.25 -31.78
CA PHE A 209 -23.98 21.31 -32.99
C PHE A 209 -24.82 20.94 -34.20
N ASN A 210 -24.38 21.41 -35.36
CA ASN A 210 -24.98 21.05 -36.62
C ASN A 210 -24.04 20.11 -37.37
N ARG A 211 -24.59 19.02 -37.89
CA ARG A 211 -23.83 18.11 -38.74
C ARG A 211 -23.40 18.79 -40.05
N ASN A 212 -23.97 19.98 -40.35
CA ASN A 212 -23.63 20.79 -41.51
C ASN A 212 -24.19 20.21 -42.81
N GLU B 1 4.37 -1.99 6.26
CA GLU B 1 2.96 -1.87 5.82
C GLU B 1 2.50 -3.23 5.29
N VAL B 2 1.30 -3.63 5.67
CA VAL B 2 0.76 -4.88 5.23
C VAL B 2 0.27 -4.73 3.80
N GLN B 3 0.63 -5.69 2.95
CA GLN B 3 0.17 -5.73 1.57
C GLN B 3 -0.40 -7.08 1.25
N LEU B 4 -1.49 -7.08 0.49
CA LEU B 4 -2.12 -8.29 0.05
C LEU B 4 -2.47 -8.09 -1.42
N VAL B 5 -1.95 -8.94 -2.30
CA VAL B 5 -2.15 -8.78 -3.74
C VAL B 5 -2.75 -10.06 -4.29
N GLU B 6 -3.98 -9.96 -4.79
CA GLU B 6 -4.69 -11.06 -5.37
C GLU B 6 -4.48 -11.07 -6.88
N SER B 7 -4.57 -12.27 -7.46
CA SER B 7 -4.52 -12.46 -8.94
C SER B 7 -5.27 -13.71 -9.31
N GLY B 8 -5.44 -13.92 -10.61
CA GLY B 8 -6.07 -15.10 -11.16
C GLY B 8 -7.51 -14.87 -11.57
N GLY B 9 -8.03 -13.70 -11.28
CA GLY B 9 -9.43 -13.40 -11.57
C GLY B 9 -9.57 -13.28 -13.06
N GLY B 10 -10.76 -13.52 -13.57
CA GLY B 10 -10.99 -13.43 -15.00
C GLY B 10 -12.28 -14.08 -15.39
N LEU B 11 -12.45 -14.23 -16.70
CA LEU B 11 -13.70 -14.72 -17.26
C LEU B 11 -13.66 -16.20 -17.31
N VAL B 12 -14.73 -16.83 -16.84
CA VAL B 12 -14.79 -18.28 -16.85
C VAL B 12 -16.21 -18.70 -17.16
N GLN B 13 -16.35 -19.81 -17.86
CA GLN B 13 -17.66 -20.31 -18.27
C GLN B 13 -18.39 -20.93 -17.08
N PRO B 14 -19.73 -20.86 -17.07
CA PRO B 14 -20.49 -21.50 -15.98
C PRO B 14 -20.17 -22.99 -15.94
N LYS B 15 -20.13 -23.55 -14.74
CA LYS B 15 -19.63 -24.91 -14.46
C LYS B 15 -18.11 -25.06 -14.59
N GLY B 16 -17.41 -23.98 -14.95
CA GLY B 16 -15.96 -24.01 -15.04
C GLY B 16 -15.27 -23.96 -13.69
N SER B 17 -13.95 -23.83 -13.73
CA SER B 17 -13.13 -23.84 -12.54
C SER B 17 -12.09 -22.74 -12.68
N LEU B 18 -11.63 -22.24 -11.55
CA LEU B 18 -10.69 -21.13 -11.52
C LEU B 18 -9.99 -21.10 -10.20
N LYS B 19 -8.72 -20.68 -10.23
CA LYS B 19 -7.90 -20.63 -9.02
C LYS B 19 -7.36 -19.23 -8.76
N LEU B 20 -7.72 -18.65 -7.61
CA LEU B 20 -7.21 -17.37 -7.19
C LEU B 20 -5.98 -17.54 -6.33
N SER B 21 -5.06 -16.58 -6.44
CA SER B 21 -3.90 -16.51 -5.56
C SER B 21 -3.87 -15.17 -4.85
N CYS B 22 -3.16 -15.13 -3.74
CA CYS B 22 -2.89 -13.92 -3.02
C CYS B 22 -1.46 -14.00 -2.46
N ALA B 23 -0.68 -12.95 -2.67
CA ALA B 23 0.66 -12.81 -2.08
C ALA B 23 0.63 -11.81 -0.95
N ALA B 24 1.17 -12.19 0.20
CA ALA B 24 1.19 -11.35 1.40
C ALA B 24 2.58 -10.89 1.80
N SER B 25 2.66 -9.72 2.41
CA SER B 25 3.89 -9.26 3.06
C SER B 25 3.58 -8.25 4.15
N GLY B 26 4.58 -7.97 4.98
CA GLY B 26 4.50 -6.96 5.99
C GLY B 26 4.00 -7.48 7.33
N PHE B 27 3.84 -8.79 7.44
CA PHE B 27 3.44 -9.43 8.69
C PHE B 27 3.86 -10.90 8.64
N THR B 28 3.81 -11.57 9.78
CA THR B 28 4.22 -12.97 9.84
C THR B 28 3.11 -13.92 9.41
N PHE B 29 3.05 -14.20 8.11
CA PHE B 29 1.96 -14.96 7.51
C PHE B 29 1.50 -16.21 8.27
N ASN B 30 2.45 -17.00 8.76
CA ASN B 30 2.10 -18.29 9.33
C ASN B 30 1.44 -18.26 10.71
N THR B 31 1.45 -17.12 11.39
CA THR B 31 0.73 -16.99 12.65
C THR B 31 -0.74 -16.50 12.53
N TYR B 32 -1.20 -16.17 11.32
CA TYR B 32 -2.57 -15.65 11.16
C TYR B 32 -3.49 -16.58 10.41
N ALA B 33 -4.76 -16.57 10.84
CA ALA B 33 -5.84 -17.08 10.01
C ALA B 33 -5.97 -16.16 8.79
N MET B 34 -6.42 -16.68 7.67
CA MET B 34 -6.62 -15.90 6.48
C MET B 34 -8.01 -16.19 5.92
N ASN B 35 -8.56 -15.22 5.16
CA ASN B 35 -9.89 -15.33 4.58
C ASN B 35 -9.94 -14.86 3.16
N TRP B 36 -11.01 -15.24 2.50
CA TRP B 36 -11.45 -14.60 1.28
C TRP B 36 -12.83 -14.05 1.57
N VAL B 37 -13.07 -12.83 1.09
CA VAL B 37 -14.35 -12.14 1.17
C VAL B 37 -14.68 -11.68 -0.24
N ARG B 38 -15.96 -11.70 -0.59
CA ARG B 38 -16.35 -11.27 -1.94
C ARG B 38 -17.45 -10.21 -1.95
N GLN B 39 -17.63 -9.63 -3.12
CA GLN B 39 -18.62 -8.59 -3.34
C GLN B 39 -19.16 -8.63 -4.75
N ALA B 40 -20.43 -9.00 -4.90
CA ALA B 40 -21.07 -9.00 -6.20
C ALA B 40 -21.30 -7.55 -6.66
N PRO B 41 -21.24 -7.30 -7.98
CA PRO B 41 -21.35 -5.92 -8.47
C PRO B 41 -22.62 -5.24 -7.96
N GLY B 42 -22.46 -4.06 -7.37
CA GLY B 42 -23.55 -3.32 -6.77
C GLY B 42 -24.13 -3.87 -5.49
N LYS B 43 -23.53 -4.93 -4.92
CA LYS B 43 -24.04 -5.57 -3.70
C LYS B 43 -23.06 -5.34 -2.56
N GLY B 44 -23.33 -5.94 -1.41
CA GLY B 44 -22.44 -5.82 -0.26
C GLY B 44 -21.42 -6.95 -0.08
N LEU B 45 -20.73 -6.91 1.05
CA LEU B 45 -19.65 -7.81 1.34
C LEU B 45 -20.20 -9.13 1.86
N GLU B 46 -19.58 -10.23 1.46
CA GLU B 46 -19.95 -11.55 1.91
C GLU B 46 -18.70 -12.36 2.23
N TRP B 47 -18.62 -12.88 3.43
CA TRP B 47 -17.49 -13.72 3.80
C TRP B 47 -17.58 -15.05 3.05
N VAL B 48 -16.46 -15.53 2.50
CA VAL B 48 -16.47 -16.72 1.66
C VAL B 48 -15.86 -17.94 2.35
N ALA B 49 -14.71 -17.75 3.00
CA ALA B 49 -13.92 -18.89 3.51
C ALA B 49 -12.75 -18.44 4.39
N ARG B 50 -12.33 -19.34 5.24
CA ARG B 50 -11.30 -19.05 6.25
C ARG B 50 -10.41 -20.26 6.37
N ILE B 51 -9.15 -20.04 6.61
CA ILE B 51 -8.21 -21.12 6.91
C ILE B 51 -7.35 -20.67 8.08
N ARG B 52 -7.28 -21.50 9.10
CA ARG B 52 -6.53 -21.13 10.29
C ARG B 52 -5.01 -21.41 10.13
N SER B 53 -4.23 -21.00 11.12
CA SER B 53 -2.80 -21.29 11.17
C SER B 53 -2.50 -22.78 11.35
N LYS B 54 -1.25 -23.13 11.09
CA LYS B 54 -0.76 -24.50 11.32
C LYS B 54 -0.97 -24.95 12.78
N SER B 55 -0.79 -24.05 13.74
CA SER B 55 -1.06 -24.39 15.16
C SER B 55 -2.50 -24.80 15.43
N ASN B 56 -3.40 -24.36 14.57
CA ASN B 56 -4.82 -24.69 14.70
C ASN B 56 -5.23 -25.65 13.60
N ASN B 57 -4.26 -26.45 13.15
CA ASN B 57 -4.39 -27.50 12.13
C ASN B 57 -4.94 -27.07 10.79
N TYR B 58 -4.76 -25.82 10.42
CA TYR B 58 -5.21 -25.36 9.11
C TYR B 58 -6.70 -25.56 8.92
N ALA B 59 -7.47 -25.41 9.99
CA ALA B 59 -8.89 -25.72 9.93
C ALA B 59 -9.57 -24.77 8.93
N THR B 60 -10.41 -25.33 8.06
CA THR B 60 -11.12 -24.56 7.08
C THR B 60 -12.62 -24.51 7.36
N TYR B 61 -13.26 -23.43 6.91
CA TYR B 61 -14.71 -23.28 6.95
C TYR B 61 -15.15 -22.42 5.76
N TYR B 62 -16.41 -22.60 5.35
CA TYR B 62 -16.94 -22.01 4.14
C TYR B 62 -18.34 -21.43 4.33
N ALA B 63 -18.65 -20.41 3.55
CA ALA B 63 -20.01 -19.93 3.38
C ALA B 63 -20.85 -21.03 2.78
N ASP B 64 -22.14 -20.99 3.09
CA ASP B 64 -23.08 -22.05 2.73
C ASP B 64 -23.17 -22.27 1.25
N SER B 65 -23.23 -21.18 0.51
CA SER B 65 -23.39 -21.26 -0.92
C SER B 65 -22.13 -21.75 -1.64
N VAL B 66 -20.99 -21.84 -0.96
CA VAL B 66 -19.75 -22.28 -1.62
C VAL B 66 -19.18 -23.56 -1.05
N LYS B 67 -19.71 -24.03 0.08
CA LYS B 67 -19.25 -25.27 0.67
C LYS B 67 -19.35 -26.38 -0.38
N ASP B 68 -18.35 -27.24 -0.42
CA ASP B 68 -18.29 -28.40 -1.35
C ASP B 68 -17.92 -28.05 -2.80
N ARG B 69 -17.84 -26.76 -3.14
CA ARG B 69 -17.39 -26.34 -4.49
C ARG B 69 -16.06 -25.56 -4.45
N PHE B 70 -15.76 -24.90 -3.32
CA PHE B 70 -14.56 -24.07 -3.20
C PHE B 70 -13.64 -24.72 -2.22
N THR B 71 -12.33 -24.64 -2.46
CA THR B 71 -11.34 -25.02 -1.48
C THR B 71 -10.35 -23.89 -1.21
N ILE B 72 -10.15 -23.60 0.06
CA ILE B 72 -9.19 -22.59 0.47
C ILE B 72 -7.93 -23.28 0.95
N SER B 73 -6.77 -22.76 0.57
CA SER B 73 -5.50 -23.36 0.99
C SER B 73 -4.45 -22.28 1.12
N ARG B 74 -3.34 -22.63 1.76
CA ARG B 74 -2.24 -21.73 1.98
C ARG B 74 -0.90 -22.42 1.79
N ASP B 75 0.09 -21.64 1.38
CA ASP B 75 1.50 -22.11 1.30
C ASP B 75 2.33 -21.14 2.15
N ASP B 76 2.56 -21.50 3.40
CA ASP B 76 3.25 -20.63 4.35
C ASP B 76 4.69 -20.30 3.92
N SER B 77 5.37 -21.24 3.25
CA SER B 77 6.76 -21.01 2.84
C SER B 77 6.86 -19.88 1.80
N GLN B 78 5.79 -19.64 1.04
CA GLN B 78 5.75 -18.53 0.10
C GLN B 78 4.85 -17.34 0.51
N SER B 79 4.30 -17.36 1.72
CA SER B 79 3.29 -16.36 2.15
C SER B 79 2.14 -16.20 1.12
N MET B 80 1.59 -17.32 0.65
CA MET B 80 0.53 -17.27 -0.34
C MET B 80 -0.76 -17.91 0.13
N LEU B 81 -1.87 -17.30 -0.29
CA LEU B 81 -3.21 -17.85 -0.02
C LEU B 81 -3.86 -18.15 -1.35
N TYR B 82 -4.60 -19.27 -1.41
CA TYR B 82 -5.28 -19.66 -2.63
C TYR B 82 -6.77 -19.94 -2.41
N LEU B 83 -7.53 -19.82 -3.50
CA LEU B 83 -8.93 -20.23 -3.52
C LEU B 83 -9.19 -20.97 -4.81
N GLN B 84 -9.36 -22.28 -4.70
CA GLN B 84 -9.76 -23.10 -5.83
C GLN B 84 -11.28 -23.07 -5.92
N MET B 85 -11.78 -22.63 -7.08
CA MET B 85 -13.22 -22.49 -7.30
C MET B 85 -13.67 -23.44 -8.40
N ASN B 86 -14.59 -24.33 -8.06
CA ASN B 86 -15.14 -25.31 -9.03
C ASN B 86 -16.64 -25.15 -9.20
N ASN B 87 -17.16 -25.73 -10.29
CA ASN B 87 -18.59 -25.67 -10.64
C ASN B 87 -19.17 -24.25 -10.44
N LEU B 88 -18.59 -23.30 -11.16
CA LEU B 88 -18.93 -21.90 -11.01
C LEU B 88 -20.31 -21.55 -11.58
N LYS B 89 -21.06 -20.78 -10.78
CA LYS B 89 -22.38 -20.31 -11.13
C LYS B 89 -22.31 -18.80 -11.37
N THR B 90 -23.33 -18.26 -12.01
CA THR B 90 -23.35 -16.86 -12.38
C THR B 90 -23.31 -16.00 -11.12
N GLU B 91 -23.86 -16.50 -10.03
CA GLU B 91 -23.90 -15.73 -8.81
C GLU B 91 -22.54 -15.68 -8.08
N ASP B 92 -21.54 -16.43 -8.56
CA ASP B 92 -20.16 -16.28 -8.06
C ASP B 92 -19.41 -15.10 -8.66
N THR B 93 -20.01 -14.44 -9.65
CA THR B 93 -19.45 -13.22 -10.26
C THR B 93 -19.30 -12.17 -9.17
N ALA B 94 -18.07 -11.70 -8.99
CA ALA B 94 -17.77 -10.84 -7.86
C ALA B 94 -16.33 -10.43 -7.84
N MET B 95 -16.08 -9.42 -7.02
CA MET B 95 -14.74 -9.00 -6.67
C MET B 95 -14.36 -9.81 -5.46
N TYR B 96 -13.22 -10.49 -5.56
CA TYR B 96 -12.72 -11.35 -4.48
C TYR B 96 -11.50 -10.73 -3.77
N TYR B 97 -11.62 -10.57 -2.45
CA TYR B 97 -10.61 -9.94 -1.60
C TYR B 97 -9.94 -10.96 -0.71
N CYS B 98 -8.62 -10.91 -0.67
CA CYS B 98 -7.83 -11.68 0.27
C CYS B 98 -7.78 -10.84 1.53
N VAL B 99 -7.91 -11.48 2.68
CA VAL B 99 -8.14 -10.74 3.91
C VAL B 99 -7.45 -11.41 5.11
N ARG B 100 -6.72 -10.63 5.90
CA ARG B 100 -5.99 -11.17 7.03
C ARG B 100 -6.84 -11.01 8.28
N HIS B 101 -6.96 -12.10 9.03
CA HIS B 101 -7.75 -12.11 10.24
C HIS B 101 -7.09 -11.22 11.28
N ARG B 102 -7.87 -10.84 12.28
CA ARG B 102 -7.35 -10.19 13.47
C ARG B 102 -6.33 -11.08 14.20
N GLY B 103 -5.49 -10.43 15.01
CA GLY B 103 -4.40 -11.12 15.71
C GLY B 103 -4.89 -11.82 16.96
N ALA B 104 -4.05 -11.85 17.98
CA ALA B 104 -4.29 -12.67 19.15
C ALA B 104 -5.58 -12.29 19.91
N PRO B 105 -6.43 -13.28 20.20
CA PRO B 105 -7.71 -12.96 20.86
C PRO B 105 -7.54 -12.24 22.20
N LEU B 106 -6.41 -12.44 22.87
CA LEU B 106 -6.22 -11.83 24.18
C LEU B 106 -6.25 -10.31 24.06
N TYR B 107 -5.70 -9.77 22.99
CA TYR B 107 -5.64 -8.32 22.80
C TYR B 107 -6.73 -7.76 21.88
N TYR B 108 -7.32 -8.62 21.06
CA TYR B 108 -8.23 -8.19 20.02
C TYR B 108 -9.63 -8.82 20.08
N GLY B 109 -9.88 -9.66 21.10
CA GLY B 109 -11.15 -10.32 21.31
C GLY B 109 -11.25 -11.61 20.54
N ASN B 110 -12.04 -12.54 21.05
CA ASN B 110 -12.31 -13.82 20.39
C ASN B 110 -13.07 -13.66 19.09
N GLY B 111 -13.91 -12.64 19.03
CA GLY B 111 -14.71 -12.40 17.85
C GLY B 111 -13.85 -12.21 16.61
N ALA B 112 -14.30 -12.83 15.52
CA ALA B 112 -13.67 -12.69 14.24
C ALA B 112 -13.83 -11.28 13.68
N TRP B 113 -12.73 -10.69 13.20
CA TRP B 113 -12.76 -9.52 12.34
C TRP B 113 -11.55 -9.47 11.39
N PHE B 114 -11.62 -8.56 10.43
CA PHE B 114 -10.77 -8.61 9.25
C PHE B 114 -9.88 -7.37 9.22
N ALA B 115 -8.64 -7.60 9.64
CA ALA B 115 -7.67 -6.56 9.91
C ALA B 115 -7.12 -5.86 8.67
N TYR B 116 -6.78 -6.62 7.63
CA TYR B 116 -6.15 -6.07 6.42
C TYR B 116 -6.80 -6.68 5.20
N TRP B 117 -7.02 -5.85 4.19
CA TRP B 117 -7.70 -6.27 2.97
C TRP B 117 -6.89 -5.95 1.73
N GLY B 118 -6.87 -6.88 0.78
CA GLY B 118 -6.34 -6.58 -0.56
C GLY B 118 -7.31 -5.73 -1.34
N GLN B 119 -6.92 -5.35 -2.55
CA GLN B 119 -7.73 -4.46 -3.38
C GLN B 119 -8.71 -5.26 -4.19
N GLY B 120 -8.39 -6.52 -4.42
CA GLY B 120 -9.36 -7.45 -4.95
C GLY B 120 -9.08 -7.80 -6.40
N THR B 121 -9.65 -8.90 -6.84
CA THR B 121 -9.56 -9.32 -8.24
C THR B 121 -10.96 -9.75 -8.69
N LEU B 122 -11.28 -9.41 -9.93
CA LEU B 122 -12.64 -9.63 -10.45
C LEU B 122 -12.81 -11.01 -11.07
N VAL B 123 -13.86 -11.72 -10.68
CA VAL B 123 -14.27 -12.97 -11.32
C VAL B 123 -15.61 -12.78 -12.02
N THR B 124 -15.66 -13.12 -13.31
CA THR B 124 -16.87 -13.06 -14.10
C THR B 124 -17.23 -14.45 -14.61
N VAL B 125 -18.36 -14.98 -14.15
CA VAL B 125 -18.86 -16.28 -14.62
C VAL B 125 -19.94 -16.02 -15.66
N SER B 126 -19.61 -16.26 -16.92
CA SER B 126 -20.52 -16.01 -18.04
C SER B 126 -20.18 -16.85 -19.27
N ALA B 127 -21.22 -17.18 -20.05
CA ALA B 127 -21.06 -17.93 -21.28
C ALA B 127 -20.63 -17.02 -22.43
N ALA B 128 -20.79 -15.71 -22.26
CA ALA B 128 -20.34 -14.76 -23.27
C ALA B 128 -18.84 -14.83 -23.51
N LYS B 129 -18.41 -14.34 -24.65
CA LYS B 129 -17.04 -14.48 -25.11
C LYS B 129 -16.28 -13.20 -24.86
N THR B 130 -14.97 -13.30 -24.66
CA THR B 130 -14.13 -12.11 -24.51
C THR B 130 -14.18 -11.30 -25.81
N THR B 131 -14.38 -10.00 -25.69
CA THR B 131 -14.46 -9.10 -26.84
C THR B 131 -13.70 -7.82 -26.50
N PRO B 132 -12.74 -7.44 -27.34
CA PRO B 132 -12.02 -6.21 -27.03
C PRO B 132 -12.88 -4.96 -27.31
N PRO B 133 -12.50 -3.81 -26.72
CA PRO B 133 -13.28 -2.57 -26.90
C PRO B 133 -12.93 -1.84 -28.19
N SER B 134 -13.90 -1.10 -28.73
CA SER B 134 -13.62 -0.05 -29.72
C SER B 134 -13.44 1.26 -28.98
N VAL B 135 -12.43 2.04 -29.36
CA VAL B 135 -12.15 3.27 -28.65
C VAL B 135 -12.28 4.45 -29.59
N TYR B 136 -13.29 5.29 -29.33
CA TYR B 136 -13.54 6.44 -30.17
C TYR B 136 -13.24 7.72 -29.39
N PRO B 137 -12.51 8.66 -30.02
CA PRO B 137 -12.18 9.93 -29.40
C PRO B 137 -13.37 10.87 -29.39
N LEU B 138 -13.45 11.72 -28.37
CA LEU B 138 -14.52 12.69 -28.23
C LEU B 138 -13.86 14.04 -28.16
N ALA B 139 -13.93 14.74 -29.29
CA ALA B 139 -13.26 16.00 -29.47
C ALA B 139 -14.30 17.02 -29.88
N PRO B 140 -14.14 18.27 -29.41
CA PRO B 140 -15.16 19.27 -29.68
C PRO B 140 -15.50 19.42 -31.19
N GLY B 141 -16.80 19.64 -31.48
CA GLY B 141 -17.29 19.74 -32.85
C GLY B 141 -17.15 21.13 -33.43
N ASP B 144 -17.33 24.78 -32.88
CA ASP B 144 -17.42 24.90 -31.42
C ASP B 144 -16.54 26.05 -30.90
N THR B 145 -17.06 26.80 -29.91
CA THR B 145 -16.37 27.97 -29.36
C THR B 145 -15.49 27.57 -28.16
N THR B 146 -14.28 28.13 -28.10
CA THR B 146 -13.33 27.84 -27.03
C THR B 146 -13.52 28.74 -25.81
N GLY B 147 -13.52 28.17 -24.61
CA GLY B 147 -13.56 28.94 -23.34
C GLY B 147 -12.23 28.80 -22.60
N SER B 148 -12.22 29.10 -21.30
CA SER B 148 -11.01 29.01 -20.46
C SER B 148 -10.49 27.58 -20.18
N SER B 149 -11.42 26.62 -20.16
CA SER B 149 -11.11 25.18 -20.09
C SER B 149 -11.63 24.48 -21.32
N VAL B 150 -11.26 23.21 -21.47
CA VAL B 150 -11.79 22.38 -22.53
C VAL B 150 -11.94 20.99 -21.99
N THR B 151 -13.01 20.30 -22.41
CA THR B 151 -13.27 18.95 -21.98
C THR B 151 -13.19 18.01 -23.16
N SER B 152 -12.35 17.00 -23.02
CA SER B 152 -12.14 15.98 -24.03
C SER B 152 -12.58 14.65 -23.42
N GLY B 153 -12.85 13.65 -24.27
CA GLY B 153 -13.23 12.35 -23.78
C GLY B 153 -12.85 11.21 -24.70
N CYS B 154 -12.98 9.98 -24.18
CA CYS B 154 -12.87 8.78 -24.98
C CYS B 154 -14.10 7.93 -24.71
N LEU B 155 -14.72 7.48 -25.80
CA LEU B 155 -15.79 6.52 -25.75
C LEU B 155 -15.22 5.12 -25.93
N VAL B 156 -15.59 4.22 -25.05
CA VAL B 156 -15.07 2.85 -25.01
C VAL B 156 -16.26 1.93 -25.14
N LYS B 157 -16.36 1.23 -26.25
CA LYS B 157 -17.59 0.56 -26.59
C LYS B 157 -17.32 -0.88 -26.97
N GLY B 158 -18.25 -1.76 -26.63
CA GLY B 158 -18.22 -3.10 -27.20
C GLY B 158 -17.27 -4.11 -26.60
N TYR B 159 -17.04 -4.05 -25.28
CA TYR B 159 -16.10 -4.98 -24.66
C TYR B 159 -16.77 -5.92 -23.66
N PHE B 160 -16.13 -7.05 -23.43
CA PHE B 160 -16.56 -7.97 -22.42
C PHE B 160 -15.37 -8.85 -22.07
N PRO B 161 -15.18 -9.17 -20.78
CA PRO B 161 -15.93 -8.73 -19.63
C PRO B 161 -15.46 -7.38 -19.11
N GLU B 162 -16.10 -6.99 -18.01
CA GLU B 162 -16.06 -5.66 -17.47
C GLU B 162 -14.81 -5.48 -16.67
N SER B 163 -13.86 -4.75 -17.23
CA SER B 163 -12.67 -4.35 -16.54
C SER B 163 -11.82 -3.64 -17.55
N VAL B 164 -12.07 -2.35 -17.74
CA VAL B 164 -11.15 -1.54 -18.52
C VAL B 164 -10.68 -0.38 -17.66
N THR B 165 -9.45 0.05 -17.91
CA THR B 165 -8.92 1.22 -17.24
C THR B 165 -8.68 2.26 -18.34
N VAL B 166 -9.12 3.49 -18.10
CA VAL B 166 -8.81 4.58 -18.99
C VAL B 166 -7.90 5.52 -18.26
N THR B 167 -6.72 5.79 -18.82
CA THR B 167 -5.82 6.81 -18.27
C THR B 167 -5.56 7.91 -19.30
N TRP B 168 -5.09 9.05 -18.81
CA TRP B 168 -4.85 10.18 -19.69
C TRP B 168 -3.40 10.63 -19.60
N ASN B 169 -2.75 10.71 -20.76
CA ASN B 169 -1.31 10.98 -20.87
C ASN B 169 -0.51 10.11 -19.89
N SER B 170 -0.72 8.79 -19.99
CA SER B 170 -0.07 7.82 -19.10
C SER B 170 -0.23 8.12 -17.59
N GLY B 171 -1.35 8.74 -17.22
CA GLY B 171 -1.65 9.08 -15.82
C GLY B 171 -1.08 10.39 -15.30
N SER B 172 -0.31 11.10 -16.13
CA SER B 172 0.18 12.44 -15.77
C SER B 172 -0.96 13.45 -15.69
N LEU B 173 -2.08 13.15 -16.36
CA LEU B 173 -3.35 13.85 -16.14
C LEU B 173 -4.34 13.06 -15.27
N SER B 174 -4.45 13.44 -14.01
CA SER B 174 -5.31 12.75 -13.06
C SER B 174 -6.31 13.66 -12.30
N SER B 175 -6.01 14.95 -12.18
CA SER B 175 -6.79 15.85 -11.31
C SER B 175 -8.28 16.02 -11.72
N SER B 176 -8.56 16.13 -13.01
CA SER B 176 -9.95 16.32 -13.48
C SER B 176 -10.46 15.19 -14.37
N VAL B 177 -10.24 13.93 -13.97
CA VAL B 177 -10.69 12.79 -14.77
C VAL B 177 -11.99 12.24 -14.21
N HIS B 178 -12.97 12.02 -15.08
CA HIS B 178 -14.25 11.42 -14.70
C HIS B 178 -14.43 10.12 -15.46
N THR B 179 -14.66 9.05 -14.70
CA THR B 179 -14.90 7.74 -15.25
C THR B 179 -16.35 7.43 -15.01
N PHE B 180 -17.11 7.24 -16.09
CA PHE B 180 -18.52 6.91 -15.96
C PHE B 180 -18.63 5.40 -15.92
N PRO B 181 -19.41 4.85 -14.96
CA PRO B 181 -19.54 3.39 -14.82
C PRO B 181 -19.99 2.75 -16.11
N ALA B 182 -19.55 1.52 -16.31
CA ALA B 182 -19.86 0.77 -17.51
C ALA B 182 -21.30 0.29 -17.43
N LEU B 183 -21.97 0.27 -18.57
CA LEU B 183 -23.35 -0.20 -18.65
C LEU B 183 -23.44 -1.31 -19.68
N LEU B 184 -24.31 -2.28 -19.39
CA LEU B 184 -24.44 -3.47 -20.20
C LEU B 184 -25.45 -3.20 -21.32
N GLN B 185 -25.01 -3.38 -22.57
CA GLN B 185 -25.73 -2.80 -23.72
C GLN B 185 -27.06 -3.44 -24.23
N SER B 186 -27.27 -4.77 -24.26
CA SER B 186 -26.57 -5.83 -23.50
C SER B 186 -25.71 -6.83 -24.31
N GLY B 187 -25.19 -7.82 -23.58
CA GLY B 187 -24.15 -8.71 -24.07
C GLY B 187 -22.76 -8.13 -23.88
N LEU B 188 -22.69 -6.81 -23.66
CA LEU B 188 -21.45 -6.11 -23.92
C LEU B 188 -21.41 -4.69 -23.29
N TYR B 189 -20.24 -4.28 -22.82
CA TYR B 189 -20.13 -3.09 -21.97
C TYR B 189 -19.69 -1.83 -22.71
N THR B 190 -20.15 -0.69 -22.19
CA THR B 190 -19.81 0.63 -22.74
C THR B 190 -19.59 1.63 -21.62
N MET B 191 -18.65 2.52 -21.81
CA MET B 191 -18.42 3.58 -20.87
C MET B 191 -17.64 4.65 -21.59
N SER B 192 -17.60 5.81 -20.98
CA SER B 192 -16.71 6.84 -21.43
C SER B 192 -15.94 7.45 -20.27
N SER B 193 -14.94 8.21 -20.62
CA SER B 193 -14.09 8.87 -19.66
C SER B 193 -13.88 10.26 -20.17
N SER B 194 -13.78 11.22 -19.27
CA SER B 194 -13.60 12.60 -19.69
C SER B 194 -12.48 13.25 -18.90
N VAL B 195 -11.89 14.27 -19.51
CA VAL B 195 -10.85 15.04 -18.85
C VAL B 195 -11.00 16.50 -19.23
N THR B 196 -10.67 17.37 -18.30
CA THR B 196 -10.77 18.79 -18.50
C THR B 196 -9.38 19.37 -18.30
N VAL B 197 -8.94 20.15 -19.27
CA VAL B 197 -7.63 20.82 -19.23
C VAL B 197 -7.80 22.30 -19.57
N PRO B 198 -6.83 23.12 -19.14
CA PRO B 198 -6.85 24.51 -19.59
C PRO B 198 -6.75 24.58 -21.12
N SER B 199 -7.44 25.54 -21.74
CA SER B 199 -7.48 25.66 -23.21
C SER B 199 -6.09 25.84 -23.83
N SER B 200 -5.22 26.54 -23.11
CA SER B 200 -3.83 26.75 -23.55
C SER B 200 -3.08 25.44 -23.75
N THR B 201 -3.51 24.42 -23.03
CA THR B 201 -2.85 23.13 -23.01
C THR B 201 -3.14 22.35 -24.28
N TRP B 202 -4.35 22.51 -24.82
CA TRP B 202 -4.79 21.69 -25.95
C TRP B 202 -5.42 22.55 -27.05
N PRO B 203 -5.13 22.25 -28.34
CA PRO B 203 -4.36 21.12 -28.86
C PRO B 203 -2.84 21.34 -29.04
N SER B 204 -2.30 22.44 -28.53
CA SER B 204 -0.86 22.69 -28.65
C SER B 204 -0.03 21.52 -28.11
N GLU B 205 -0.23 21.17 -26.84
CA GLU B 205 0.34 19.94 -26.26
C GLU B 205 -0.57 18.76 -26.59
N THR B 206 -0.01 17.55 -26.60
CA THR B 206 -0.77 16.37 -27.00
C THR B 206 -1.48 15.70 -25.83
N VAL B 207 -2.71 15.24 -26.08
CA VAL B 207 -3.54 14.59 -25.06
C VAL B 207 -4.00 13.25 -25.59
N THR B 208 -3.59 12.20 -24.90
CA THR B 208 -3.89 10.85 -25.35
C THR B 208 -4.53 10.09 -24.20
N CYS B 209 -5.53 9.31 -24.57
CA CYS B 209 -6.20 8.45 -23.62
C CYS B 209 -5.77 7.04 -23.92
N SER B 210 -5.39 6.30 -22.88
CA SER B 210 -4.97 4.92 -23.01
C SER B 210 -6.00 4.01 -22.37
N VAL B 211 -6.42 3.02 -23.14
CA VAL B 211 -7.47 2.11 -22.76
C VAL B 211 -6.91 0.71 -22.70
N ALA B 212 -6.91 0.11 -21.51
CA ALA B 212 -6.43 -1.26 -21.36
C ALA B 212 -7.58 -2.20 -21.04
N HIS B 213 -7.56 -3.38 -21.67
CA HIS B 213 -8.55 -4.41 -21.41
C HIS B 213 -7.84 -5.74 -21.16
N PRO B 214 -7.31 -5.92 -19.94
CA PRO B 214 -6.58 -7.13 -19.53
C PRO B 214 -7.16 -8.45 -20.02
N ALA B 215 -8.46 -8.64 -19.89
CA ALA B 215 -9.11 -9.87 -20.35
C ALA B 215 -8.79 -10.20 -21.82
N SER B 216 -8.45 -9.21 -22.65
CA SER B 216 -8.05 -9.49 -24.04
C SER B 216 -6.63 -9.00 -24.37
N SER B 217 -5.84 -8.69 -23.35
CA SER B 217 -4.49 -8.11 -23.47
C SER B 217 -4.42 -6.95 -24.46
N THR B 218 -5.51 -6.20 -24.58
CA THR B 218 -5.54 -5.12 -25.55
C THR B 218 -5.18 -3.80 -24.87
N THR B 219 -4.40 -2.99 -25.57
CA THR B 219 -4.11 -1.63 -25.15
C THR B 219 -4.25 -0.76 -26.37
N VAL B 220 -5.03 0.31 -26.25
CA VAL B 220 -5.17 1.27 -27.33
C VAL B 220 -4.93 2.67 -26.77
N ASP B 221 -4.09 3.43 -27.47
CA ASP B 221 -3.86 4.82 -27.16
C ASP B 221 -4.47 5.65 -28.27
N LYS B 222 -5.36 6.57 -27.91
CA LYS B 222 -5.97 7.45 -28.89
C LYS B 222 -5.62 8.90 -28.59
N LYS B 223 -4.96 9.54 -29.56
CA LYS B 223 -4.69 10.97 -29.53
C LYS B 223 -5.97 11.66 -29.95
N LEU B 224 -6.28 12.79 -29.30
CA LEU B 224 -7.49 13.55 -29.63
C LEU B 224 -7.23 14.60 -30.69
N GLU B 225 -7.92 14.48 -31.82
CA GLU B 225 -7.85 15.46 -32.91
C GLU B 225 -8.66 16.73 -32.57
N PRO B 226 -8.43 17.84 -33.30
CA PRO B 226 -9.36 18.97 -33.30
C PRO B 226 -9.95 19.24 -34.68
N ASP C 1 30.85 2.06 -16.59
CA ASP C 1 29.57 2.51 -15.98
C ASP C 1 29.69 3.94 -15.52
N ILE C 2 28.58 4.68 -15.53
CA ILE C 2 28.62 6.05 -15.05
C ILE C 2 28.66 6.02 -13.54
N GLN C 3 29.71 6.57 -12.95
CA GLN C 3 29.85 6.62 -11.52
C GLN C 3 29.09 7.84 -11.00
N MET C 4 28.23 7.61 -10.00
CA MET C 4 27.50 8.67 -9.34
C MET C 4 28.04 8.88 -7.94
N THR C 5 28.26 10.14 -7.57
CA THR C 5 28.87 10.46 -6.31
C THR C 5 28.05 11.46 -5.56
N GLN C 6 27.73 11.11 -4.32
CA GLN C 6 27.12 11.99 -3.39
C GLN C 6 28.19 12.12 -2.32
N SER C 7 28.91 13.21 -2.34
CA SER C 7 30.07 13.28 -1.49
C SER C 7 29.77 13.75 -0.07
N THR C 8 28.54 14.16 0.25
CA THR C 8 28.10 14.07 1.65
C THR C 8 27.39 12.74 1.97
N SER C 9 27.93 11.95 2.90
CA SER C 9 27.27 10.71 3.28
C SER C 9 26.30 10.93 4.46
N SER C 10 26.52 11.98 5.23
CA SER C 10 25.59 12.29 6.33
C SER C 10 25.51 13.75 6.62
N LEU C 11 24.31 14.22 6.94
CA LEU C 11 24.19 15.54 7.48
C LEU C 11 23.01 15.73 8.42
N SER C 12 23.08 16.86 9.11
CA SER C 12 22.27 17.12 10.26
C SER C 12 21.74 18.52 10.11
N ALA C 13 20.44 18.71 10.33
CA ALA C 13 19.87 20.05 10.23
C ALA C 13 18.67 20.23 11.14
N SER C 14 18.27 21.48 11.36
CA SER C 14 17.17 21.79 12.24
C SER C 14 15.87 21.80 11.48
N LEU C 15 14.79 21.52 12.20
CA LEU C 15 13.47 21.67 11.64
C LEU C 15 13.35 23.09 11.11
N GLY C 16 12.80 23.20 9.91
CA GLY C 16 12.60 24.49 9.28
C GLY C 16 13.74 24.94 8.40
N ASP C 17 14.91 24.32 8.53
CA ASP C 17 16.07 24.70 7.72
C ASP C 17 15.93 24.22 6.29
N ARG C 18 16.68 24.88 5.42
CA ARG C 18 16.87 24.49 4.04
C ARG C 18 18.10 23.59 3.96
N VAL C 19 17.98 22.48 3.25
CA VAL C 19 19.09 21.54 3.13
C VAL C 19 19.26 21.22 1.66
N THR C 20 20.51 21.09 1.26
CA THR C 20 20.84 20.77 -0.12
C THR C 20 21.75 19.56 -0.14
N ILE C 21 21.46 18.63 -1.04
CA ILE C 21 22.22 17.40 -1.16
C ILE C 21 22.68 17.31 -2.58
N SER C 22 23.99 17.12 -2.76
CA SER C 22 24.54 17.19 -4.10
C SER C 22 24.85 15.81 -4.69
N CYS C 23 24.86 15.76 -6.00
CA CYS C 23 25.12 14.56 -6.74
C CYS C 23 25.94 14.95 -7.97
N ARG C 24 26.97 14.16 -8.23
CA ARG C 24 27.80 14.34 -9.37
C ARG C 24 27.91 13.06 -10.21
N ALA C 25 27.83 13.20 -11.51
CA ALA C 25 28.04 12.09 -12.43
C ALA C 25 29.42 12.16 -13.09
N SER C 26 30.00 11.01 -13.36
CA SER C 26 31.32 10.92 -13.98
C SER C 26 31.33 11.32 -15.47
N GLN C 27 30.15 11.47 -16.07
CA GLN C 27 30.06 12.06 -17.40
C GLN C 27 28.68 12.65 -17.54
N ASP C 28 28.52 13.48 -18.58
CA ASP C 28 27.25 14.14 -18.86
C ASP C 28 26.09 13.13 -18.93
N ILE C 29 25.00 13.42 -18.23
CA ILE C 29 23.84 12.52 -18.21
C ILE C 29 22.56 13.12 -18.77
N SER C 30 22.68 14.28 -19.41
CA SER C 30 21.56 14.90 -20.14
C SER C 30 20.33 15.08 -19.29
N ASN C 31 20.53 15.49 -18.04
CA ASN C 31 19.44 15.79 -17.13
C ASN C 31 18.62 14.58 -16.68
N TYR C 32 19.03 13.39 -17.07
CA TYR C 32 18.29 12.18 -16.65
C TYR C 32 18.77 11.73 -15.28
N LEU C 33 18.42 12.53 -14.29
CA LEU C 33 18.89 12.32 -12.95
C LEU C 33 17.67 12.31 -12.05
N ASN C 34 17.57 11.29 -11.19
CA ASN C 34 16.39 11.12 -10.36
C ASN C 34 16.78 10.95 -8.92
N TRP C 35 15.87 11.28 -8.01
CA TRP C 35 16.16 11.27 -6.59
C TRP C 35 15.14 10.43 -5.87
N TYR C 36 15.62 9.59 -4.93
CA TYR C 36 14.78 8.67 -4.16
C TYR C 36 14.98 8.88 -2.67
N GLN C 37 13.93 8.60 -1.91
CA GLN C 37 13.98 8.62 -0.45
C GLN C 37 13.81 7.22 0.11
N GLN C 38 14.74 6.76 0.94
CA GLN C 38 14.58 5.50 1.63
C GLN C 38 14.39 5.74 3.10
N LYS C 39 13.21 5.42 3.62
CA LYS C 39 12.93 5.56 5.05
C LYS C 39 13.77 4.61 5.84
N PRO C 40 14.00 4.89 7.13
CA PRO C 40 14.71 3.97 8.01
C PRO C 40 14.18 2.54 8.04
N ASP C 41 12.88 2.35 7.87
CA ASP C 41 12.29 1.00 7.75
C ASP C 41 12.58 0.30 6.42
N GLY C 42 13.25 0.98 5.51
CA GLY C 42 13.67 0.39 4.23
C GLY C 42 12.84 0.81 3.05
N THR C 43 11.72 1.48 3.30
CA THR C 43 10.78 1.83 2.24
C THR C 43 11.36 2.87 1.30
N VAL C 44 11.24 2.64 0.00
CA VAL C 44 11.80 3.53 -1.00
C VAL C 44 10.69 4.13 -1.84
N LYS C 45 10.79 5.43 -2.12
CA LYS C 45 9.93 6.06 -3.11
C LYS C 45 10.67 7.12 -3.90
N VAL C 46 10.18 7.38 -5.11
CA VAL C 46 10.75 8.43 -5.97
C VAL C 46 10.27 9.78 -5.52
N LEU C 47 11.15 10.77 -5.51
CA LEU C 47 10.81 12.17 -5.19
C LEU C 47 10.77 13.03 -6.45
N ILE C 48 11.83 12.96 -7.22
CA ILE C 48 12.06 13.86 -8.32
C ILE C 48 12.56 13.03 -9.48
N TYR C 49 12.11 13.34 -10.67
CA TYR C 49 12.64 12.68 -11.87
C TYR C 49 13.01 13.73 -12.92
N TYR C 50 13.82 13.33 -13.89
CA TYR C 50 14.24 14.23 -14.99
C TYR C 50 14.77 15.54 -14.42
N THR C 51 15.71 15.45 -13.49
CA THR C 51 16.34 16.58 -12.80
C THR C 51 15.43 17.37 -11.85
N SER C 52 14.29 17.85 -12.35
CA SER C 52 13.50 18.85 -11.62
C SER C 52 12.01 18.58 -11.54
N ARG C 53 11.51 17.50 -12.15
CA ARG C 53 10.08 17.23 -12.13
C ARG C 53 9.64 16.55 -10.84
N LEU C 54 8.78 17.23 -10.09
CA LEU C 54 8.29 16.75 -8.81
C LEU C 54 7.31 15.62 -9.05
N ARG C 55 7.50 14.53 -8.34
CA ARG C 55 6.60 13.41 -8.49
C ARG C 55 5.24 13.78 -7.89
N SER C 56 4.19 13.52 -8.64
CA SER C 56 2.82 13.70 -8.16
C SER C 56 2.58 13.01 -6.79
N GLY C 57 2.14 13.78 -5.80
CA GLY C 57 1.90 13.29 -4.44
C GLY C 57 3.02 13.63 -3.48
N VAL C 58 4.17 14.05 -4.00
CA VAL C 58 5.31 14.40 -3.17
C VAL C 58 5.22 15.87 -2.79
N PRO C 59 5.41 16.20 -1.50
CA PRO C 59 5.35 17.59 -1.06
C PRO C 59 6.26 18.53 -1.86
N SER C 60 5.83 19.77 -2.04
CA SER C 60 6.55 20.73 -2.90
C SER C 60 7.78 21.35 -2.26
N ARG C 61 7.97 21.07 -0.97
CA ARG C 61 9.21 21.47 -0.32
C ARG C 61 10.45 20.77 -0.93
N PHE C 62 10.23 19.67 -1.65
CA PHE C 62 11.27 18.97 -2.36
C PHE C 62 11.43 19.54 -3.75
N SER C 63 12.65 19.89 -4.12
CA SER C 63 12.90 20.29 -5.49
C SER C 63 14.27 19.83 -5.94
N GLY C 64 14.45 19.76 -7.25
CA GLY C 64 15.72 19.38 -7.83
C GLY C 64 16.21 20.30 -8.92
N SER C 65 17.52 20.27 -9.15
CA SER C 65 18.13 21.11 -10.16
C SER C 65 19.43 20.55 -10.68
N GLY C 66 19.96 21.19 -11.72
CA GLY C 66 21.31 20.91 -12.20
C GLY C 66 21.34 20.59 -13.64
N SER C 67 22.53 20.39 -14.17
CA SER C 67 22.71 19.96 -15.56
C SER C 67 24.08 19.43 -15.75
N GLY C 68 24.29 18.81 -16.89
CA GLY C 68 25.59 18.24 -17.20
C GLY C 68 25.90 17.07 -16.29
N THR C 69 26.86 17.29 -15.41
CA THR C 69 27.32 16.32 -14.44
C THR C 69 26.98 16.72 -12.99
N ASP C 70 26.47 17.93 -12.75
CA ASP C 70 26.25 18.39 -11.37
C ASP C 70 24.75 18.60 -11.06
N TYR C 71 24.27 17.99 -9.98
CA TYR C 71 22.85 18.02 -9.67
C TYR C 71 22.66 18.19 -8.18
N SER C 72 21.48 18.64 -7.79
CA SER C 72 21.19 18.91 -6.39
C SER C 72 19.75 18.63 -6.04
N LEU C 73 19.53 18.14 -4.83
CA LEU C 73 18.22 18.04 -4.26
C LEU C 73 18.13 19.01 -3.12
N THR C 74 17.04 19.77 -3.07
CA THR C 74 16.85 20.77 -2.04
C THR C 74 15.58 20.47 -1.29
N ILE C 75 15.65 20.52 0.02
CA ILE C 75 14.47 20.47 0.85
C ILE C 75 14.35 21.88 1.43
N SER C 76 13.30 22.60 1.06
CA SER C 76 13.20 24.02 1.39
C SER C 76 12.99 24.28 2.88
N ASN C 77 12.17 23.47 3.53
CA ASN C 77 12.05 23.56 4.98
C ASN C 77 11.86 22.19 5.56
N LEU C 78 12.77 21.82 6.44
CA LEU C 78 12.89 20.44 6.85
C LEU C 78 11.81 20.06 7.84
N GLU C 79 11.09 18.97 7.54
CA GLU C 79 10.05 18.45 8.41
C GLU C 79 10.47 17.16 9.08
N GLN C 80 9.74 16.83 10.14
CA GLN C 80 10.05 15.70 11.01
C GLN C 80 10.14 14.39 10.25
N GLU C 81 9.17 14.17 9.36
CA GLU C 81 9.11 12.96 8.53
C GLU C 81 10.22 12.84 7.42
N ASP C 82 11.17 13.77 7.37
CA ASP C 82 12.19 13.76 6.33
C ASP C 82 13.45 13.00 6.75
N ILE C 83 13.49 12.53 7.99
CA ILE C 83 14.51 11.60 8.43
C ILE C 83 14.56 10.40 7.48
N ALA C 84 15.67 10.20 6.78
CA ALA C 84 15.77 9.23 5.69
C ALA C 84 17.14 9.28 5.01
N THR C 85 17.37 8.34 4.10
CA THR C 85 18.58 8.34 3.27
C THR C 85 18.13 8.67 1.86
N TYR C 86 18.85 9.60 1.23
CA TYR C 86 18.51 10.10 -0.09
C TYR C 86 19.52 9.64 -1.12
N PHE C 87 19.02 9.15 -2.24
CA PHE C 87 19.83 8.56 -3.29
C PHE C 87 19.54 9.22 -4.63
N CYS C 88 20.59 9.54 -5.38
CA CYS C 88 20.40 9.94 -6.77
C CYS C 88 20.63 8.76 -7.68
N GLN C 89 20.20 8.87 -8.92
CA GLN C 89 20.27 7.79 -9.86
C GLN C 89 20.24 8.36 -11.26
N GLN C 90 21.20 7.95 -12.07
CA GLN C 90 21.26 8.35 -13.50
C GLN C 90 20.52 7.34 -14.32
N GLY C 91 19.67 7.83 -15.21
CA GLY C 91 18.95 6.96 -16.13
C GLY C 91 19.26 7.22 -17.60
N ASN C 92 20.44 7.76 -17.89
CA ASN C 92 20.87 8.06 -19.25
C ASN C 92 21.28 6.82 -19.98
N THR C 93 22.15 6.01 -19.38
CA THR C 93 22.65 4.83 -20.06
C THR C 93 22.81 3.64 -19.14
N LEU C 94 22.57 2.45 -19.70
CA LEU C 94 22.75 1.18 -19.00
C LEU C 94 24.22 0.86 -18.81
N PRO C 95 24.56 0.29 -17.65
CA PRO C 95 23.67 0.02 -16.51
C PRO C 95 23.28 1.28 -15.72
N TRP C 96 22.03 1.32 -15.27
CA TRP C 96 21.57 2.44 -14.49
C TRP C 96 22.20 2.36 -13.12
N THR C 97 22.70 3.49 -12.63
CA THR C 97 23.52 3.52 -11.44
C THR C 97 23.04 4.57 -10.45
N PHE C 98 23.29 4.27 -9.18
CA PHE C 98 22.90 5.14 -8.05
C PHE C 98 24.12 5.75 -7.36
N GLY C 99 23.94 6.89 -6.72
CA GLY C 99 24.92 7.41 -5.79
C GLY C 99 24.89 6.56 -4.51
N GLY C 100 25.86 6.75 -3.63
CA GLY C 100 26.00 5.95 -2.41
C GLY C 100 25.04 6.38 -1.30
N GLY C 101 24.31 7.47 -1.51
CA GLY C 101 23.31 7.92 -0.56
C GLY C 101 23.79 8.96 0.46
N THR C 102 22.86 9.81 0.87
CA THR C 102 23.10 10.82 1.89
C THR C 102 22.08 10.67 3.02
N LYS C 103 22.57 10.36 4.21
CA LYS C 103 21.74 10.17 5.38
C LYS C 103 21.41 11.52 6.04
N LEU C 104 20.13 11.75 6.30
CA LEU C 104 19.71 13.01 6.90
C LEU C 104 19.16 12.84 8.30
N GLU C 105 19.77 13.54 9.25
CA GLU C 105 19.30 13.48 10.63
C GLU C 105 18.83 14.87 11.11
N ILE C 106 17.84 14.88 11.99
CA ILE C 106 17.21 16.12 12.47
C ILE C 106 17.87 16.55 13.77
N LYS C 107 18.26 17.82 13.84
CA LYS C 107 18.84 18.43 15.04
C LYS C 107 17.68 18.70 15.98
N ARG C 108 17.90 18.57 17.27
CA ARG C 108 16.87 18.91 18.24
C ARG C 108 17.52 19.32 19.55
N ALA C 109 16.66 19.64 20.52
CA ALA C 109 17.13 20.01 21.86
C ALA C 109 17.75 18.81 22.54
N ASP C 110 18.84 19.05 23.27
CA ASP C 110 19.49 18.02 24.07
C ASP C 110 18.49 17.37 24.98
N ALA C 111 18.69 16.08 25.23
CA ALA C 111 17.83 15.32 26.13
C ALA C 111 18.65 14.24 26.83
N ALA C 112 18.45 14.11 28.13
CA ALA C 112 19.18 13.15 28.94
C ALA C 112 18.60 11.77 28.74
N PRO C 113 19.42 10.72 28.84
CA PRO C 113 18.87 9.39 28.70
C PRO C 113 18.14 8.97 29.96
N THR C 114 17.11 8.15 29.80
CA THR C 114 16.56 7.41 30.93
C THR C 114 17.18 5.99 30.88
N VAL C 115 17.74 5.55 31.99
CA VAL C 115 18.51 4.31 32.03
C VAL C 115 17.79 3.23 32.82
N SER C 116 17.84 2.00 32.31
CA SER C 116 17.26 0.85 32.97
C SER C 116 18.25 -0.30 32.88
N ILE C 117 18.43 -1.00 33.99
CA ILE C 117 19.31 -2.15 34.01
C ILE C 117 18.44 -3.39 34.23
N PHE C 118 18.90 -4.54 33.72
CA PHE C 118 18.12 -5.78 33.82
C PHE C 118 19.05 -6.96 34.08
N PRO C 119 18.76 -7.73 35.15
CA PRO C 119 19.53 -8.95 35.38
C PRO C 119 19.20 -10.02 34.35
N PRO C 120 20.09 -11.03 34.20
CA PRO C 120 19.81 -12.22 33.42
C PRO C 120 18.51 -12.87 33.86
N SER C 121 17.71 -13.33 32.90
CA SER C 121 16.45 -14.03 33.18
C SER C 121 16.72 -15.42 33.77
N SER C 122 15.75 -15.95 34.52
CA SER C 122 15.83 -17.33 35.05
C SER C 122 16.01 -18.31 33.90
N GLU C 123 15.08 -18.25 32.95
CA GLU C 123 15.11 -19.06 31.74
C GLU C 123 16.49 -19.06 31.10
N GLN C 124 17.14 -17.90 31.05
CA GLN C 124 18.50 -17.85 30.52
C GLN C 124 19.52 -18.50 31.47
N LEU C 125 19.37 -18.25 32.77
CA LEU C 125 20.30 -18.79 33.76
C LEU C 125 20.33 -20.32 33.67
N THR C 126 19.16 -20.95 33.59
CA THR C 126 19.07 -22.39 33.38
C THR C 126 19.77 -22.86 32.08
N SER C 127 19.72 -22.05 31.03
CA SER C 127 20.42 -22.37 29.76
C SER C 127 21.96 -22.35 29.88
N GLY C 128 22.45 -21.91 31.03
CA GLY C 128 23.88 -21.81 31.25
C GLY C 128 24.48 -20.47 30.82
N GLY C 129 23.61 -19.51 30.47
CA GLY C 129 24.05 -18.18 30.02
C GLY C 129 23.70 -17.07 31.01
N ALA C 130 24.41 -15.94 30.90
CA ALA C 130 24.14 -14.76 31.72
C ALA C 130 24.38 -13.45 30.96
N SER C 131 23.30 -12.81 30.52
CA SER C 131 23.39 -11.52 29.81
C SER C 131 22.80 -10.46 30.70
N VAL C 132 23.59 -9.41 30.96
CA VAL C 132 23.12 -8.26 31.72
C VAL C 132 22.91 -7.15 30.71
N VAL C 133 21.74 -6.53 30.76
CA VAL C 133 21.30 -5.63 29.72
C VAL C 133 21.01 -4.26 30.28
N CYS C 134 21.43 -3.25 29.54
CA CYS C 134 21.20 -1.88 29.91
C CYS C 134 20.60 -1.12 28.74
N PHE C 135 19.46 -0.47 28.95
CA PHE C 135 18.88 0.40 27.96
C PHE C 135 19.13 1.86 28.31
N LEU C 136 19.64 2.62 27.34
CA LEU C 136 19.76 4.07 27.46
C LEU C 136 18.79 4.65 26.47
N ASN C 137 17.70 5.24 26.95
CA ASN C 137 16.61 5.59 26.06
C ASN C 137 16.30 7.09 25.89
N ASN C 138 15.97 7.45 24.65
CA ASN C 138 15.47 8.79 24.31
C ASN C 138 16.39 9.94 24.70
N PHE C 139 17.64 9.83 24.27
CA PHE C 139 18.61 10.86 24.51
C PHE C 139 18.97 11.59 23.21
N TYR C 140 19.51 12.79 23.34
CA TYR C 140 20.05 13.55 22.22
C TYR C 140 21.11 14.50 22.77
N PRO C 141 22.26 14.64 22.09
CA PRO C 141 22.63 14.05 20.81
C PRO C 141 23.08 12.61 20.92
N LYS C 142 23.45 12.04 19.78
CA LYS C 142 23.67 10.60 19.64
C LYS C 142 24.86 10.08 20.42
N ASP C 143 25.89 10.91 20.54
CA ASP C 143 27.13 10.47 21.18
C ASP C 143 26.90 10.19 22.67
N ILE C 144 27.27 9.00 23.11
CA ILE C 144 27.11 8.60 24.49
C ILE C 144 28.16 7.55 24.89
N ASN C 145 28.54 7.52 26.17
CA ASN C 145 29.49 6.54 26.69
C ASN C 145 28.87 5.72 27.80
N VAL C 146 29.07 4.41 27.76
CA VAL C 146 28.56 3.53 28.77
C VAL C 146 29.69 2.67 29.36
N LYS C 147 29.71 2.60 30.69
CA LYS C 147 30.71 1.88 31.46
C LYS C 147 30.00 0.77 32.24
N TRP C 148 30.61 -0.41 32.28
CA TRP C 148 30.17 -1.49 33.15
C TRP C 148 31.12 -1.67 34.32
N LYS C 149 30.58 -1.71 35.53
CA LYS C 149 31.35 -2.03 36.75
C LYS C 149 30.78 -3.27 37.40
N ILE C 150 31.66 -4.22 37.71
CA ILE C 150 31.29 -5.42 38.47
C ILE C 150 32.01 -5.40 39.81
N ASP C 151 31.27 -5.22 40.89
CA ASP C 151 31.85 -5.09 42.23
C ASP C 151 32.92 -3.99 42.26
N GLY C 152 32.55 -2.82 41.71
CA GLY C 152 33.43 -1.65 41.65
C GLY C 152 34.51 -1.69 40.58
N SER C 153 34.64 -2.82 39.88
CA SER C 153 35.71 -3.03 38.91
C SER C 153 35.20 -2.93 37.47
N GLU C 154 35.80 -2.04 36.70
CA GLU C 154 35.39 -1.79 35.34
C GLU C 154 35.63 -3.03 34.47
N ARG C 155 34.65 -3.37 33.62
CA ARG C 155 34.81 -4.45 32.67
C ARG C 155 34.57 -3.99 31.22
N GLN C 156 35.38 -4.52 30.31
CA GLN C 156 35.23 -4.28 28.86
C GLN C 156 34.89 -5.53 28.07
N ASN C 157 35.44 -6.66 28.48
CA ASN C 157 35.23 -7.88 27.76
C ASN C 157 33.77 -8.28 27.81
N GLY C 158 33.23 -8.70 26.69
CA GLY C 158 31.88 -9.18 26.66
C GLY C 158 30.80 -8.12 26.61
N VAL C 159 31.17 -6.88 26.34
CA VAL C 159 30.24 -5.76 26.24
C VAL C 159 29.99 -5.49 24.78
N LEU C 160 28.71 -5.40 24.42
CA LEU C 160 28.27 -5.06 23.07
C LEU C 160 27.22 -3.95 23.02
N ASN C 161 27.43 -2.92 22.21
CA ASN C 161 26.54 -1.77 22.18
C ASN C 161 25.84 -1.61 20.83
N SER C 162 24.60 -1.15 20.87
CA SER C 162 23.81 -1.04 19.66
C SER C 162 22.85 0.14 19.74
N TRP C 163 22.88 1.00 18.71
CA TRP C 163 22.06 2.21 18.68
C TRP C 163 20.82 2.08 17.81
N THR C 164 19.71 2.71 18.20
CA THR C 164 18.56 2.81 17.32
C THR C 164 18.83 3.81 16.22
N ASP C 165 18.00 3.74 15.20
CA ASP C 165 17.84 4.82 14.26
C ASP C 165 17.34 6.01 15.03
N GLN C 166 17.50 7.19 14.47
CA GLN C 166 16.84 8.35 15.01
C GLN C 166 15.33 8.07 14.96
N ASP C 167 14.64 8.27 16.09
CA ASP C 167 13.21 8.01 16.23
C ASP C 167 12.45 8.99 15.34
N SER C 168 11.61 8.47 14.45
CA SER C 168 10.93 9.29 13.46
C SER C 168 10.04 10.34 14.11
N LYS C 169 9.46 10.01 15.26
CA LYS C 169 8.57 10.92 15.94
C LYS C 169 9.25 12.09 16.71
N ASP C 170 10.21 11.78 17.59
CA ASP C 170 10.82 12.86 18.43
C ASP C 170 12.32 13.12 18.23
N SER C 171 12.94 12.46 17.26
CA SER C 171 14.35 12.70 16.88
C SER C 171 15.40 12.33 17.94
N THR C 172 15.02 11.53 18.93
CA THR C 172 15.94 11.04 19.94
C THR C 172 16.59 9.76 19.48
N TYR C 173 17.62 9.32 20.18
CA TYR C 173 18.23 8.01 19.97
C TYR C 173 18.07 7.18 21.23
N SER C 174 18.17 5.87 21.06
CA SER C 174 18.23 4.97 22.17
C SER C 174 19.35 4.01 21.87
N MET C 175 19.87 3.34 22.90
CA MET C 175 20.90 2.33 22.67
C MET C 175 20.87 1.29 23.78
N SER C 176 21.36 0.10 23.45
CA SER C 176 21.42 -0.98 24.41
C SER C 176 22.85 -1.36 24.64
N SER C 177 23.20 -1.65 25.89
CA SER C 177 24.50 -2.21 26.21
C SER C 177 24.27 -3.55 26.88
N THR C 178 24.91 -4.57 26.33
CA THR C 178 24.71 -5.92 26.76
C THR C 178 26.03 -6.49 27.15
N LEU C 179 26.11 -6.90 28.41
CA LEU C 179 27.29 -7.57 28.92
C LEU C 179 26.97 -9.06 28.96
N THR C 180 27.69 -9.86 28.19
CA THR C 180 27.48 -11.30 28.19
C THR C 180 28.55 -12.01 29.01
N LEU C 181 28.12 -12.87 29.95
CA LEU C 181 29.01 -13.64 30.79
C LEU C 181 28.56 -15.09 30.86
N THR C 182 29.45 -15.97 31.29
CA THR C 182 29.08 -17.34 31.63
C THR C 182 28.28 -17.30 32.93
N LYS C 183 27.46 -18.32 33.16
CA LYS C 183 26.65 -18.36 34.39
C LYS C 183 27.54 -18.41 35.63
N ASP C 184 28.50 -19.31 35.64
CA ASP C 184 29.40 -19.45 36.79
C ASP C 184 30.27 -18.21 36.99
N GLU C 185 30.57 -17.48 35.92
CA GLU C 185 31.23 -16.19 36.10
C GLU C 185 30.30 -15.13 36.68
N TYR C 186 29.05 -15.11 36.22
CA TYR C 186 28.03 -14.22 36.77
C TYR C 186 27.80 -14.50 38.26
N GLU C 187 27.90 -15.77 38.65
CA GLU C 187 27.59 -16.19 40.01
C GLU C 187 28.68 -15.85 41.03
N ARG C 188 29.90 -15.52 40.56
CA ARG C 188 31.03 -15.18 41.43
C ARG C 188 31.11 -13.71 41.83
N HIS C 189 30.13 -12.90 41.43
CA HIS C 189 30.12 -11.48 41.76
C HIS C 189 28.74 -11.05 42.22
N ASN C 190 28.66 -9.85 42.81
CA ASN C 190 27.41 -9.40 43.40
C ASN C 190 26.83 -8.11 42.77
N SER C 191 27.58 -7.01 42.80
CA SER C 191 27.04 -5.72 42.35
C SER C 191 27.34 -5.50 40.86
N TYR C 192 26.27 -5.26 40.09
CA TYR C 192 26.36 -4.99 38.65
C TYR C 192 25.86 -3.58 38.35
N THR C 193 26.71 -2.79 37.68
CA THR C 193 26.43 -1.36 37.49
C THR C 193 26.63 -0.90 36.05
N CYS C 194 25.66 -0.15 35.56
CA CYS C 194 25.66 0.44 34.23
C CYS C 194 25.73 1.95 34.40
N GLU C 195 26.77 2.58 33.84
CA GLU C 195 26.99 4.03 33.97
C GLU C 195 27.06 4.72 32.62
N ALA C 196 26.23 5.74 32.45
CA ALA C 196 26.15 6.47 31.21
C ALA C 196 26.58 7.92 31.38
N THR C 197 27.54 8.36 30.56
CA THR C 197 27.98 9.73 30.51
C THR C 197 27.59 10.38 29.18
N HIS C 198 26.97 11.55 29.26
CA HIS C 198 26.34 12.21 28.11
C HIS C 198 26.50 13.74 28.23
N LYS C 199 26.57 14.42 27.10
CA LYS C 199 26.64 15.90 27.02
C LYS C 199 25.78 16.64 28.07
N THR C 200 24.54 16.16 28.22
CA THR C 200 23.57 16.80 29.11
C THR C 200 23.96 16.83 30.60
N SER C 201 25.01 16.10 31.00
CA SER C 201 25.43 16.08 32.40
C SER C 201 26.87 15.61 32.61
N THR C 202 27.56 16.24 33.55
CA THR C 202 28.88 15.76 34.02
C THR C 202 28.74 14.59 35.00
N SER C 203 27.65 14.54 35.76
CA SER C 203 27.37 13.39 36.59
C SER C 203 26.86 12.26 35.72
N PRO C 204 27.53 11.09 35.78
CA PRO C 204 27.00 9.91 35.09
C PRO C 204 25.64 9.53 35.63
N ILE C 205 24.78 8.97 34.77
CA ILE C 205 23.58 8.33 35.26
C ILE C 205 23.98 6.88 35.57
N VAL C 206 23.77 6.49 36.82
CA VAL C 206 24.21 5.21 37.34
C VAL C 206 22.97 4.36 37.63
N LYS C 207 22.97 3.13 37.13
CA LYS C 207 21.93 2.17 37.47
C LYS C 207 22.57 0.87 37.89
N SER C 208 21.96 0.23 38.87
CA SER C 208 22.65 -0.81 39.59
C SER C 208 21.70 -1.83 40.21
N PHE C 209 22.18 -3.05 40.34
CA PHE C 209 21.50 -4.07 41.11
C PHE C 209 22.52 -5.01 41.74
N ASN C 210 22.08 -5.65 42.82
CA ASN C 210 22.85 -6.72 43.44
C ASN C 210 22.19 -8.06 43.14
N ARG C 211 23.00 -9.03 42.79
CA ARG C 211 22.52 -10.41 42.62
C ARG C 211 21.96 -10.98 43.94
N ASN C 212 22.03 -10.16 45.00
CA ASN C 212 21.04 -10.10 46.12
C ASN C 212 21.70 -10.17 47.47
N GLU D 1 -4.17 2.15 -5.60
CA GLU D 1 -2.79 2.16 -5.03
C GLU D 1 -1.99 1.06 -5.68
N VAL D 2 -0.78 1.39 -6.12
CA VAL D 2 0.10 0.40 -6.70
C VAL D 2 0.66 -0.42 -5.56
N GLN D 3 0.64 -1.73 -5.72
CA GLN D 3 1.23 -2.64 -4.76
C GLN D 3 2.18 -3.60 -5.48
N LEU D 4 3.34 -3.86 -4.86
CA LEU D 4 4.29 -4.83 -5.38
C LEU D 4 4.75 -5.68 -4.20
N VAL D 5 4.56 -6.98 -4.27
CA VAL D 5 4.84 -7.86 -3.12
C VAL D 5 5.76 -8.96 -3.58
N GLU D 6 6.96 -8.96 -3.05
CA GLU D 6 7.98 -9.91 -3.42
C GLU D 6 7.96 -11.06 -2.44
N SER D 7 8.38 -12.23 -2.91
CA SER D 7 8.50 -13.42 -2.08
C SER D 7 9.56 -14.32 -2.67
N GLY D 8 9.92 -15.35 -1.92
CA GLY D 8 10.87 -16.36 -2.35
C GLY D 8 12.23 -16.13 -1.76
N GLY D 9 12.42 -15.04 -1.03
CA GLY D 9 13.70 -14.75 -0.41
C GLY D 9 13.95 -15.72 0.71
N GLY D 10 15.20 -15.92 1.06
CA GLY D 10 15.54 -16.76 2.20
C GLY D 10 17.00 -17.11 2.19
N LEU D 11 17.37 -18.02 3.08
CA LEU D 11 18.75 -18.49 3.19
C LEU D 11 19.01 -19.55 2.14
N VAL D 12 20.11 -19.41 1.40
CA VAL D 12 20.47 -20.37 0.38
C VAL D 12 21.98 -20.56 0.43
N GLN D 13 22.43 -21.78 0.14
CA GLN D 13 23.85 -22.08 0.17
C GLN D 13 24.55 -21.50 -1.03
N PRO D 14 25.84 -21.16 -0.88
CA PRO D 14 26.59 -20.65 -2.03
C PRO D 14 26.59 -21.66 -3.15
N LYS D 15 26.60 -21.18 -4.39
CA LYS D 15 26.44 -21.98 -5.61
C LYS D 15 25.02 -22.53 -5.77
N GLY D 16 24.16 -22.25 -4.81
CA GLY D 16 22.77 -22.63 -4.91
C GLY D 16 21.99 -21.77 -5.90
N SER D 17 20.69 -21.98 -5.87
CA SER D 17 19.82 -21.37 -6.81
C SER D 17 18.54 -20.97 -6.08
N LEU D 18 17.88 -19.93 -6.57
CA LEU D 18 16.72 -19.39 -5.91
C LEU D 18 15.90 -18.57 -6.88
N LYS D 19 14.59 -18.60 -6.73
CA LYS D 19 13.67 -17.92 -7.62
C LYS D 19 12.78 -16.95 -6.87
N LEU D 20 12.92 -15.66 -7.17
CA LEU D 20 12.09 -14.63 -6.56
C LEU D 20 10.86 -14.39 -7.42
N SER D 21 9.74 -14.10 -6.74
CA SER D 21 8.52 -13.70 -7.41
C SER D 21 8.10 -12.34 -6.91
N CYS D 22 7.30 -11.68 -7.73
CA CYS D 22 6.68 -10.44 -7.36
C CYS D 22 5.26 -10.41 -7.92
N ALA D 23 4.29 -10.14 -7.08
CA ALA D 23 2.93 -9.94 -7.53
C ALA D 23 2.61 -8.46 -7.57
N ALA D 24 2.03 -7.99 -8.67
CA ALA D 24 1.69 -6.58 -8.88
C ALA D 24 0.18 -6.34 -8.95
N SER D 25 -0.26 -5.17 -8.50
CA SER D 25 -1.62 -4.72 -8.75
C SER D 25 -1.68 -3.20 -8.74
N GLY D 26 -2.81 -2.69 -9.20
CA GLY D 26 -3.09 -1.27 -9.16
C GLY D 26 -2.65 -0.52 -10.40
N PHE D 27 -2.19 -1.25 -11.41
CA PHE D 27 -1.76 -0.64 -12.68
C PHE D 27 -1.79 -1.68 -13.76
N THR D 28 -1.70 -1.27 -15.02
CA THR D 28 -1.80 -2.24 -16.11
C THR D 28 -0.43 -2.83 -16.39
N PHE D 29 -0.16 -3.93 -15.70
CA PHE D 29 1.14 -4.58 -15.72
C PHE D 29 1.79 -4.70 -17.07
N ASN D 30 1.02 -5.07 -18.09
CA ASN D 30 1.63 -5.39 -19.39
C ASN D 30 2.14 -4.21 -20.20
N THR D 31 1.77 -2.98 -19.86
CA THR D 31 2.31 -1.82 -20.56
C THR D 31 3.61 -1.26 -19.96
N TYR D 32 4.10 -1.82 -18.84
CA TYR D 32 5.32 -1.29 -18.20
C TYR D 32 6.51 -2.20 -18.28
N ALA D 33 7.67 -1.58 -18.44
CA ALA D 33 8.93 -2.25 -18.13
C ALA D 33 8.98 -2.53 -16.63
N MET D 34 9.64 -3.60 -16.23
CA MET D 34 9.79 -3.94 -14.82
C MET D 34 11.27 -4.19 -14.50
N ASN D 35 11.65 -3.97 -13.24
CA ASN D 35 13.02 -4.14 -12.77
C ASN D 35 13.13 -4.90 -11.45
N TRP D 36 14.32 -5.38 -11.17
CA TRP D 36 14.71 -5.73 -9.84
C TRP D 36 15.88 -4.83 -9.50
N VAL D 37 15.86 -4.34 -8.26
CA VAL D 37 16.92 -3.54 -7.68
C VAL D 37 17.26 -4.20 -6.34
N ARG D 38 18.53 -4.14 -5.94
CA ARG D 38 18.95 -4.74 -4.68
C ARG D 38 19.78 -3.84 -3.81
N GLN D 39 19.90 -4.24 -2.56
CA GLN D 39 20.62 -3.48 -1.57
C GLN D 39 21.29 -4.42 -0.60
N ALA D 40 22.60 -4.45 -0.63
CA ALA D 40 23.36 -5.23 0.35
C ALA D 40 23.24 -4.56 1.76
N PRO D 41 23.30 -5.37 2.84
CA PRO D 41 23.10 -4.81 4.19
C PRO D 41 24.12 -3.69 4.47
N GLY D 42 23.63 -2.53 4.93
CA GLY D 42 24.47 -1.35 5.13
C GLY D 42 25.03 -0.65 3.89
N LYS D 43 24.63 -1.07 2.69
CA LYS D 43 25.13 -0.47 1.45
C LYS D 43 24.01 0.27 0.75
N GLY D 44 24.29 0.76 -0.46
CA GLY D 44 23.29 1.46 -1.22
C GLY D 44 22.56 0.60 -2.24
N LEU D 45 21.78 1.28 -3.06
CA LEU D 45 20.92 0.63 -4.02
C LEU D 45 21.73 0.28 -5.25
N GLU D 46 21.43 -0.87 -5.84
CA GLU D 46 22.09 -1.31 -7.08
C GLU D 46 21.05 -1.87 -8.02
N TRP D 47 20.97 -1.34 -9.24
CA TRP D 47 20.07 -1.90 -10.25
C TRP D 47 20.56 -3.26 -10.70
N VAL D 48 19.66 -4.23 -10.81
CA VAL D 48 20.04 -5.61 -11.12
C VAL D 48 19.65 -6.06 -12.54
N ALA D 49 18.42 -5.74 -12.96
CA ALA D 49 17.87 -6.27 -14.20
C ALA D 49 16.55 -5.60 -14.61
N ARG D 50 16.25 -5.63 -15.89
CA ARG D 50 15.10 -4.99 -16.46
C ARG D 50 14.51 -5.90 -17.53
N ILE D 51 13.19 -5.87 -17.67
CA ILE D 51 12.52 -6.55 -18.75
C ILE D 51 11.47 -5.60 -19.30
N ARG D 52 11.49 -5.40 -20.61
CA ARG D 52 10.55 -4.49 -21.22
C ARG D 52 9.18 -5.14 -21.48
N SER D 53 8.23 -4.33 -21.93
CA SER D 53 6.89 -4.80 -22.29
C SER D 53 6.91 -5.69 -23.55
N LYS D 54 5.81 -6.40 -23.76
CA LYS D 54 5.62 -7.22 -24.95
C LYS D 54 5.77 -6.39 -26.23
N SER D 55 5.30 -5.15 -26.22
CA SER D 55 5.41 -4.26 -27.37
C SER D 55 6.88 -3.94 -27.72
N ASN D 56 7.77 -4.08 -26.74
CA ASN D 56 9.20 -3.87 -26.95
C ASN D 56 9.95 -5.21 -26.89
N ASN D 57 9.22 -6.26 -27.24
CA ASN D 57 9.72 -7.62 -27.33
C ASN D 57 10.34 -8.24 -26.08
N TYR D 58 9.90 -7.79 -24.90
CA TYR D 58 10.38 -8.35 -23.64
C TYR D 58 11.90 -8.29 -23.53
N ALA D 59 12.48 -7.23 -24.07
CA ALA D 59 13.93 -7.13 -24.10
C ALA D 59 14.48 -7.09 -22.66
N THR D 60 15.52 -7.87 -22.39
CA THR D 60 16.13 -7.92 -21.08
C THR D 60 17.54 -7.35 -21.07
N TYR D 61 17.94 -6.82 -19.92
CA TYR D 61 19.29 -6.38 -19.67
C TYR D 61 19.66 -6.64 -18.20
N TYR D 62 20.95 -6.81 -17.93
CA TYR D 62 21.46 -7.19 -16.61
C TYR D 62 22.64 -6.32 -16.19
N ALA D 63 22.79 -6.13 -14.89
CA ALA D 63 24.02 -5.62 -14.28
C ALA D 63 25.13 -6.60 -14.61
N ASP D 64 26.35 -6.09 -14.69
CA ASP D 64 27.47 -6.94 -15.14
C ASP D 64 27.80 -8.04 -14.16
N SER D 65 27.66 -7.78 -12.86
CA SER D 65 27.98 -8.80 -11.87
C SER D 65 26.97 -9.94 -11.82
N VAL D 66 25.82 -9.80 -12.49
CA VAL D 66 24.82 -10.87 -12.51
C VAL D 66 24.53 -11.44 -13.88
N LYS D 67 25.05 -10.83 -14.93
CA LYS D 67 24.82 -11.32 -16.30
C LYS D 67 25.32 -12.78 -16.38
N ASP D 68 24.55 -13.60 -17.07
CA ASP D 68 24.84 -15.03 -17.24
C ASP D 68 24.51 -15.91 -16.02
N ARG D 69 24.18 -15.32 -14.87
CA ARG D 69 23.76 -16.11 -13.70
C ARG D 69 22.28 -15.89 -13.31
N PHE D 70 21.73 -14.71 -13.64
CA PHE D 70 20.36 -14.37 -13.29
C PHE D 70 19.53 -14.30 -14.54
N THR D 71 18.27 -14.71 -14.46
CA THR D 71 17.31 -14.48 -15.52
C THR D 71 16.04 -13.79 -15.00
N ILE D 72 15.66 -12.73 -15.69
CA ILE D 72 14.48 -11.99 -15.35
C ILE D 72 13.38 -12.38 -16.32
N SER D 73 12.17 -12.59 -15.80
CA SER D 73 11.03 -12.95 -16.67
C SER D 73 9.75 -12.42 -16.07
N ARG D 74 8.68 -12.45 -16.86
CA ARG D 74 7.37 -11.95 -16.47
C ARG D 74 6.24 -12.85 -17.01
N ASP D 75 5.14 -12.88 -16.27
CA ASP D 75 3.90 -13.51 -16.72
C ASP D 75 2.80 -12.48 -16.66
N ASP D 76 2.51 -11.86 -17.80
CA ASP D 76 1.56 -10.76 -17.85
C ASP D 76 0.13 -11.16 -17.46
N SER D 77 -0.27 -12.39 -17.75
CA SER D 77 -1.64 -12.80 -17.43
C SER D 77 -1.88 -12.85 -15.92
N GLN D 78 -0.83 -13.08 -15.14
CA GLN D 78 -0.94 -13.08 -13.69
C GLN D 78 -0.34 -11.84 -13.00
N SER D 79 0.10 -10.85 -13.78
CA SER D 79 0.77 -9.68 -13.25
C SER D 79 1.95 -10.05 -12.34
N MET D 80 2.80 -10.96 -12.79
CA MET D 80 3.91 -11.41 -11.97
C MET D 80 5.26 -11.18 -12.62
N LEU D 81 6.24 -10.83 -11.78
CA LEU D 81 7.63 -10.68 -12.21
C LEU D 81 8.46 -11.69 -11.47
N TYR D 82 9.47 -12.26 -12.15
CA TYR D 82 10.35 -13.24 -11.53
C TYR D 82 11.81 -12.90 -11.71
N LEU D 83 12.62 -13.43 -10.80
CA LEU D 83 14.08 -13.39 -10.93
C LEU D 83 14.62 -14.74 -10.54
N GLN D 84 15.06 -15.49 -11.55
CA GLN D 84 15.77 -16.75 -11.33
C GLN D 84 17.22 -16.42 -11.08
N MET D 85 17.72 -16.87 -9.93
CA MET D 85 19.09 -16.63 -9.52
C MET D 85 19.85 -17.94 -9.41
N ASN D 86 20.91 -18.08 -10.19
CA ASN D 86 21.75 -19.28 -10.18
C ASN D 86 23.18 -18.96 -9.75
N ASN D 87 23.92 -20.00 -9.37
CA ASN D 87 25.32 -19.88 -8.92
C ASN D 87 25.53 -18.71 -7.95
N LEU D 88 24.80 -18.75 -6.85
CA LEU D 88 24.80 -17.66 -5.91
C LEU D 88 26.09 -17.53 -5.12
N LYS D 89 26.56 -16.29 -5.01
CA LYS D 89 27.77 -15.96 -4.31
C LYS D 89 27.39 -15.15 -3.09
N THR D 90 28.32 -15.07 -2.16
CA THR D 90 28.08 -14.41 -0.88
C THR D 90 27.75 -12.94 -1.08
N GLU D 91 28.26 -12.38 -2.16
CA GLU D 91 27.97 -11.01 -2.61
C GLU D 91 26.51 -10.73 -3.00
N ASP D 92 25.78 -11.77 -3.35
CA ASP D 92 24.38 -11.61 -3.74
C ASP D 92 23.44 -11.47 -2.54
N THR D 93 23.98 -11.57 -1.33
CA THR D 93 23.22 -11.30 -0.12
C THR D 93 22.72 -9.86 -0.11
N ALA D 94 21.41 -9.70 0.00
CA ALA D 94 20.79 -8.39 -0.18
C ALA D 94 19.29 -8.47 -0.07
N MET D 95 18.73 -7.30 0.09
CA MET D 95 17.31 -7.07 0.00
C MET D 95 17.01 -6.84 -1.47
N TYR D 96 16.09 -7.61 -2.01
CA TYR D 96 15.71 -7.52 -3.42
C TYR D 96 14.32 -6.89 -3.59
N TYR D 97 14.25 -5.82 -4.37
CA TYR D 97 13.06 -5.06 -4.59
C TYR D 97 12.58 -5.25 -6.01
N CYS D 98 11.28 -5.48 -6.14
CA CYS D 98 10.59 -5.47 -7.40
C CYS D 98 10.20 -4.03 -7.65
N VAL D 99 10.38 -3.56 -8.88
CA VAL D 99 10.29 -2.15 -9.16
C VAL D 99 9.63 -1.91 -10.51
N ARG D 100 8.64 -1.03 -10.56
CA ARG D 100 7.97 -0.66 -11.80
C ARG D 100 8.64 0.55 -12.45
N HIS D 101 8.95 0.45 -13.72
CA HIS D 101 9.59 1.53 -14.50
C HIS D 101 8.61 2.69 -14.62
N ARG D 102 9.15 3.84 -14.95
CA ARG D 102 8.35 5.00 -15.36
C ARG D 102 7.54 4.70 -16.65
N GLY D 103 6.49 5.48 -16.82
CA GLY D 103 5.56 5.30 -17.94
C GLY D 103 6.10 5.88 -19.24
N ALA D 104 5.21 6.39 -20.06
CA ALA D 104 5.57 6.72 -21.44
C ALA D 104 6.62 7.85 -21.47
N PRO D 105 7.72 7.64 -22.21
CA PRO D 105 8.74 8.70 -22.31
C PRO D 105 8.23 10.08 -22.73
N LEU D 106 7.13 10.16 -23.48
CA LEU D 106 6.62 11.46 -23.93
C LEU D 106 6.26 12.31 -22.73
N TYR D 107 5.72 11.71 -21.69
CA TYR D 107 5.27 12.48 -20.53
C TYR D 107 6.24 12.45 -19.36
N TYR D 108 7.13 11.47 -19.36
CA TYR D 108 7.99 11.23 -18.21
C TYR D 108 9.51 11.25 -18.53
N GLY D 109 9.85 11.54 -19.78
CA GLY D 109 11.25 11.59 -20.24
C GLY D 109 11.77 10.25 -20.65
N ASN D 110 12.76 10.26 -21.55
CA ASN D 110 13.42 9.02 -22.04
C ASN D 110 14.21 8.35 -20.96
N GLY D 111 14.73 9.15 -20.03
CA GLY D 111 15.54 8.64 -18.96
C GLY D 111 14.80 7.62 -18.11
N ALA D 112 15.51 6.57 -17.77
CA ALA D 112 14.99 5.53 -16.87
C ALA D 112 14.84 6.05 -15.47
N TRP D 113 13.69 5.79 -14.87
CA TRP D 113 13.52 5.93 -13.43
C TRP D 113 12.47 4.95 -12.90
N PHE D 114 12.38 4.87 -11.58
CA PHE D 114 11.71 3.77 -10.91
C PHE D 114 10.57 4.31 -10.10
N ALA D 115 9.40 4.17 -10.68
CA ALA D 115 8.19 4.80 -10.21
C ALA D 115 7.62 4.20 -8.93
N TYR D 116 7.58 2.87 -8.83
CA TYR D 116 6.96 2.19 -7.66
C TYR D 116 7.85 1.06 -7.21
N TRP D 117 7.94 0.90 -5.90
CA TRP D 117 8.83 -0.09 -5.30
C TRP D 117 8.10 -0.98 -4.34
N GLY D 118 8.42 -2.27 -4.38
CA GLY D 118 7.98 -3.17 -3.33
C GLY D 118 8.78 -2.92 -2.05
N GLN D 119 8.44 -3.63 -0.99
CA GLN D 119 9.10 -3.44 0.29
C GLN D 119 10.36 -4.32 0.38
N GLY D 120 10.39 -5.37 -0.41
CA GLY D 120 11.59 -6.13 -0.62
C GLY D 120 11.56 -7.45 0.12
N THR D 121 12.41 -8.35 -0.33
CA THR D 121 12.55 -9.63 0.32
C THR D 121 14.05 -9.88 0.48
N LEU D 122 14.42 -10.45 1.62
CA LEU D 122 15.81 -10.66 1.96
C LEU D 122 16.36 -11.99 1.42
N VAL D 123 17.51 -11.91 0.74
CA VAL D 123 18.23 -13.12 0.32
C VAL D 123 19.56 -13.16 1.08
N THR D 124 19.82 -14.29 1.74
CA THR D 124 21.09 -14.51 2.42
C THR D 124 21.79 -15.71 1.80
N VAL D 125 22.96 -15.49 1.20
CA VAL D 125 23.76 -16.56 0.64
C VAL D 125 24.88 -16.87 1.63
N SER D 126 24.77 -18.01 2.30
CA SER D 126 25.73 -18.41 3.30
C SER D 126 25.72 -19.93 3.51
N ALA D 127 26.86 -20.47 3.90
CA ALA D 127 27.01 -21.90 4.24
C ALA D 127 26.53 -22.17 5.67
N ALA D 128 26.38 -21.14 6.48
CA ALA D 128 25.88 -21.33 7.83
C ALA D 128 24.46 -21.91 7.82
N LYS D 129 24.07 -22.52 8.94
CA LYS D 129 22.78 -23.20 9.03
C LYS D 129 21.79 -22.32 9.79
N THR D 130 20.50 -22.52 9.48
CA THR D 130 19.46 -21.77 10.15
C THR D 130 19.45 -22.13 11.63
N THR D 131 19.35 -21.12 12.49
CA THR D 131 19.30 -21.34 13.93
C THR D 131 18.23 -20.43 14.52
N PRO D 132 17.26 -21.00 15.24
CA PRO D 132 16.24 -20.15 15.80
C PRO D 132 16.78 -19.35 17.01
N PRO D 133 16.09 -18.27 17.38
CA PRO D 133 16.50 -17.42 18.49
C PRO D 133 16.06 -17.98 19.83
N SER D 134 16.83 -17.70 20.87
CA SER D 134 16.34 -17.83 22.25
C SER D 134 15.76 -16.49 22.67
N VAL D 135 14.61 -16.51 23.32
CA VAL D 135 13.95 -15.28 23.69
C VAL D 135 13.85 -15.17 25.21
N TYR D 136 14.57 -14.19 25.78
CA TYR D 136 14.57 -13.96 27.19
C TYR D 136 13.88 -12.66 27.55
N PRO D 137 12.99 -12.69 28.55
CA PRO D 137 12.28 -11.49 28.99
C PRO D 137 13.19 -10.60 29.82
N LEU D 138 12.95 -9.29 29.74
CA LEU D 138 13.70 -8.32 30.52
C LEU D 138 12.71 -7.55 31.37
N ALA D 139 12.72 -7.90 32.66
CA ALA D 139 11.74 -7.42 33.62
C ALA D 139 12.39 -6.80 34.87
N PRO D 140 11.71 -5.80 35.47
CA PRO D 140 11.83 -5.40 36.87
C PRO D 140 10.93 -6.24 37.79
N GLY D 141 11.29 -6.29 39.07
CA GLY D 141 10.49 -6.97 40.10
C GLY D 141 9.41 -6.06 40.67
N GLY D 147 8.60 4.88 39.53
CA GLY D 147 8.23 6.18 38.99
C GLY D 147 6.96 6.10 38.15
N SER D 148 6.76 7.12 37.31
CA SER D 148 5.54 7.23 36.51
C SER D 148 5.51 6.26 35.31
N SER D 149 6.69 5.88 34.79
CA SER D 149 6.78 4.90 33.69
C SER D 149 7.57 3.65 34.10
N VAL D 150 7.53 2.64 33.24
CA VAL D 150 8.32 1.44 33.42
C VAL D 150 8.75 0.95 32.05
N THR D 151 9.97 0.43 31.97
CA THR D 151 10.51 -0.06 30.70
C THR D 151 10.73 -1.55 30.78
N SER D 152 10.12 -2.26 29.84
CA SER D 152 10.24 -3.71 29.73
C SER D 152 10.94 -4.02 28.40
N GLY D 153 11.52 -5.21 28.31
CA GLY D 153 12.19 -5.62 27.07
C GLY D 153 12.20 -7.11 26.83
N CYS D 154 12.59 -7.48 25.62
CA CYS D 154 12.85 -8.87 25.26
C CYS D 154 14.24 -8.94 24.63
N LEU D 155 15.06 -9.84 25.15
CA LEU D 155 16.35 -10.18 24.57
C LEU D 155 16.17 -11.35 23.62
N VAL D 156 16.71 -11.20 22.41
CA VAL D 156 16.58 -12.17 21.34
C VAL D 156 17.97 -12.59 20.94
N LYS D 157 18.35 -13.82 21.23
CA LYS D 157 19.75 -14.22 21.16
C LYS D 157 19.93 -15.50 20.35
N GLY D 158 21.03 -15.60 19.62
CA GLY D 158 21.44 -16.86 19.02
C GLY D 158 20.79 -17.28 17.71
N TYR D 159 20.45 -16.34 16.84
CA TYR D 159 19.72 -16.72 15.62
C TYR D 159 20.53 -16.48 14.35
N PHE D 160 20.18 -17.20 13.29
CA PHE D 160 20.76 -16.99 11.95
C PHE D 160 19.79 -17.56 10.94
N PRO D 161 19.59 -16.90 9.80
CA PRO D 161 20.09 -15.60 9.40
C PRO D 161 19.24 -14.45 9.94
N GLU D 162 19.56 -13.25 9.46
CA GLU D 162 18.67 -12.08 9.61
C GLU D 162 17.39 -12.43 8.84
N SER D 163 16.17 -12.00 9.23
CA SER D 163 15.90 -11.06 10.26
C SER D 163 14.86 -11.58 11.26
N VAL D 164 14.65 -10.81 12.32
CA VAL D 164 13.67 -11.06 13.32
C VAL D 164 12.76 -9.82 13.42
N THR D 165 11.52 -10.01 13.81
CA THR D 165 10.64 -8.89 14.15
C THR D 165 10.15 -9.12 15.57
N VAL D 166 10.17 -8.06 16.36
CA VAL D 166 9.61 -8.12 17.69
C VAL D 166 8.41 -7.19 17.78
N THR D 167 7.26 -7.71 18.17
CA THR D 167 6.06 -6.88 18.38
C THR D 167 5.58 -7.01 19.83
N TRP D 168 4.75 -6.06 20.25
CA TRP D 168 4.30 -6.03 21.63
C TRP D 168 2.78 -6.07 21.68
N ASN D 169 2.27 -7.01 22.46
CA ASN D 169 0.83 -7.33 22.53
C ASN D 169 0.20 -7.45 21.15
N SER D 170 0.79 -8.33 20.32
CA SER D 170 0.39 -8.54 18.93
C SER D 170 0.28 -7.24 18.13
N GLY D 171 1.11 -6.24 18.45
CA GLY D 171 1.10 -4.97 17.71
C GLY D 171 0.08 -3.93 18.15
N SER D 172 -0.74 -4.25 19.14
CA SER D 172 -1.68 -3.29 19.76
C SER D 172 -0.92 -2.23 20.58
N LEU D 173 0.26 -2.59 21.06
CA LEU D 173 1.06 -1.74 21.91
C LEU D 173 2.42 -1.40 21.24
N SER D 174 2.42 -0.55 20.22
CA SER D 174 3.69 -0.27 19.52
C SER D 174 4.04 1.20 19.36
N SER D 175 3.45 2.02 20.22
CA SER D 175 3.71 3.46 20.31
C SER D 175 5.15 3.80 20.74
N SER D 176 5.57 3.29 21.89
CA SER D 176 6.86 3.60 22.46
C SER D 176 7.85 2.42 22.36
N VAL D 177 7.95 1.84 21.16
CA VAL D 177 8.79 0.65 20.94
C VAL D 177 10.13 1.00 20.31
N HIS D 178 11.21 0.47 20.89
CA HIS D 178 12.55 0.66 20.38
C HIS D 178 13.15 -0.66 19.97
N THR D 179 13.59 -0.71 18.73
CA THR D 179 14.23 -1.86 18.15
C THR D 179 15.71 -1.56 18.00
N PHE D 180 16.56 -2.37 18.62
CA PHE D 180 18.00 -2.21 18.47
C PHE D 180 18.52 -3.14 17.38
N PRO D 181 19.31 -2.61 16.43
CA PRO D 181 19.85 -3.42 15.33
C PRO D 181 20.59 -4.64 15.81
N ALA D 182 20.54 -5.68 15.01
CA ALA D 182 21.16 -6.93 15.37
C ALA D 182 22.66 -6.83 15.17
N LEU D 183 23.41 -7.50 16.03
CA LEU D 183 24.85 -7.56 15.95
C LEU D 183 25.32 -9.01 15.94
N LEU D 184 26.40 -9.26 15.21
CA LEU D 184 26.90 -10.60 14.98
C LEU D 184 27.86 -11.00 16.10
N GLN D 185 27.57 -12.14 16.73
CA GLN D 185 28.20 -12.55 17.95
C GLN D 185 28.67 -13.98 17.72
N SER D 186 29.96 -14.13 17.38
CA SER D 186 30.54 -15.42 17.02
C SER D 186 29.54 -16.29 16.22
N GLY D 187 29.15 -15.79 15.05
CA GLY D 187 28.37 -16.54 14.08
C GLY D 187 26.86 -16.33 14.14
N LEU D 188 26.36 -15.77 15.23
CA LEU D 188 24.92 -15.71 15.47
C LEU D 188 24.51 -14.30 15.84
N TYR D 189 23.28 -13.95 15.53
CA TYR D 189 22.79 -12.60 15.75
C TYR D 189 22.08 -12.42 17.11
N THR D 190 22.17 -11.21 17.63
CA THR D 190 21.55 -10.83 18.89
C THR D 190 20.94 -9.45 18.75
N MET D 191 19.78 -9.30 19.35
CA MET D 191 18.95 -8.14 19.21
C MET D 191 18.14 -8.01 20.49
N SER D 192 17.77 -6.80 20.90
CA SER D 192 16.72 -6.64 21.90
C SER D 192 15.74 -5.58 21.45
N SER D 193 14.61 -5.57 22.14
CA SER D 193 13.54 -4.62 21.87
C SER D 193 13.01 -4.15 23.21
N SER D 194 12.58 -2.91 23.28
CA SER D 194 12.12 -2.36 24.53
C SER D 194 10.81 -1.61 24.32
N VAL D 195 10.04 -1.51 25.41
CA VAL D 195 8.79 -0.78 25.40
C VAL D 195 8.62 -0.11 26.74
N THR D 196 8.03 1.08 26.72
CA THR D 196 7.84 1.87 27.93
C THR D 196 6.37 2.23 28.14
N VAL D 197 5.84 1.79 29.26
CA VAL D 197 4.41 1.93 29.56
C VAL D 197 4.23 2.69 30.88
N PRO D 198 3.06 3.31 31.08
CA PRO D 198 2.76 3.87 32.41
C PRO D 198 2.77 2.78 33.48
N SER D 199 3.25 3.10 34.67
CA SER D 199 3.41 2.12 35.76
C SER D 199 2.09 1.47 36.17
N SER D 200 1.03 2.26 36.10
CA SER D 200 -0.33 1.82 36.38
C SER D 200 -0.84 0.74 35.40
N THR D 201 -0.17 0.60 34.26
CA THR D 201 -0.49 -0.40 33.23
C THR D 201 0.09 -1.78 33.55
N TRP D 202 1.26 -1.82 34.18
CA TRP D 202 1.98 -3.09 34.37
C TRP D 202 2.43 -3.21 35.83
N PRO D 203 2.33 -4.42 36.42
CA PRO D 203 1.97 -5.72 35.82
C PRO D 203 0.49 -6.11 35.86
N SER D 204 -0.39 -5.19 36.26
CA SER D 204 -1.83 -5.48 36.29
C SER D 204 -2.33 -6.00 34.93
N GLU D 205 -2.15 -5.20 33.88
CA GLU D 205 -2.43 -5.65 32.50
C GLU D 205 -1.22 -6.40 31.99
N THR D 206 -1.44 -7.28 31.01
CA THR D 206 -0.36 -8.15 30.51
C THR D 206 0.40 -7.52 29.35
N VAL D 207 1.70 -7.77 29.33
CA VAL D 207 2.56 -7.34 28.26
C VAL D 207 3.28 -8.57 27.71
N THR D 208 3.06 -8.82 26.43
CA THR D 208 3.64 -9.96 25.77
C THR D 208 4.41 -9.46 24.57
N CYS D 209 5.61 -9.99 24.38
CA CYS D 209 6.41 -9.67 23.22
C CYS D 209 6.40 -10.90 22.33
N SER D 210 6.17 -10.67 21.04
CA SER D 210 6.14 -11.75 20.05
C SER D 210 7.34 -11.62 19.11
N VAL D 211 8.07 -12.72 18.97
CA VAL D 211 9.30 -12.77 18.21
C VAL D 211 9.15 -13.72 17.05
N ALA D 212 9.25 -13.23 15.83
CA ALA D 212 9.15 -14.07 14.65
C ALA D 212 10.50 -14.16 13.96
N HIS D 213 10.85 -15.36 13.54
CA HIS D 213 12.07 -15.60 12.78
C HIS D 213 11.76 -16.43 11.53
N PRO D 214 11.27 -15.76 10.48
CA PRO D 214 10.81 -16.37 9.24
C PRO D 214 11.69 -17.49 8.74
N ALA D 215 12.98 -17.27 8.70
CA ALA D 215 13.88 -18.29 8.22
C ALA D 215 13.73 -19.64 8.97
N SER D 216 13.23 -19.64 10.20
CA SER D 216 12.97 -20.91 10.90
C SER D 216 11.51 -21.11 11.28
N SER D 217 10.63 -20.31 10.69
CA SER D 217 9.19 -20.34 10.93
C SER D 217 8.89 -20.31 12.42
N THR D 218 9.77 -19.68 13.18
CA THR D 218 9.65 -19.64 14.62
C THR D 218 8.83 -18.47 14.99
N THR D 219 7.93 -18.68 15.93
CA THR D 219 7.23 -17.60 16.58
C THR D 219 7.21 -17.92 18.06
N VAL D 220 7.65 -17.00 18.88
CA VAL D 220 7.61 -17.17 20.32
C VAL D 220 6.96 -15.96 20.91
N ASP D 221 6.03 -16.18 21.82
CA ASP D 221 5.42 -15.12 22.60
C ASP D 221 5.87 -15.29 24.04
N LYS D 222 6.46 -14.24 24.59
CA LYS D 222 6.88 -14.26 25.98
C LYS D 222 6.12 -13.21 26.76
N LYS D 223 5.37 -13.68 27.77
CA LYS D 223 4.68 -12.83 28.71
C LYS D 223 5.66 -12.49 29.85
N LEU D 224 5.72 -11.21 30.23
CA LEU D 224 6.74 -10.74 31.18
C LEU D 224 6.32 -10.95 32.66
S SO4 E . -8.12 -17.47 14.82
O1 SO4 E . -6.85 -16.73 15.04
O2 SO4 E . -8.12 -18.75 14.07
O3 SO4 E . -9.34 -17.03 15.54
O4 SO4 E . -7.77 -18.28 16.02
S SO4 F . 10.42 1.44 -21.73
O1 SO4 F . 9.82 1.54 -23.09
O2 SO4 F . 11.20 2.65 -21.42
O3 SO4 F . 9.31 1.31 -20.76
O4 SO4 F . 11.29 0.24 -21.65
#